data_1FBO
#
_entry.id   1FBO
#
_cell.length_a   61.460
_cell.length_b   84.820
_cell.length_c   121.750
_cell.angle_alpha   90.00
_cell.angle_beta   90.00
_cell.angle_gamma   90.00
#
_symmetry.space_group_name_H-M   'P 21 21 21'
#
loop_
_entity.id
_entity.type
_entity.pdbx_description
1 polymer 'ENDO-1,4-BETA-GLUCANASE F'
2 branched alpha-D-glucopyranose-(1-4)-D-glucose
3 non-polymer 'CALCIUM ION'
4 water water
#
_entity_poly.entity_id   1
_entity_poly.type   'polypeptide(L)'
_entity_poly.pdbx_seq_one_letter_code
;ASSPANKVYQDRFESMYSKIKDPANGYFSEQGIPYHSIETLMVEAPDYGHVTTSEAMSYYMWLEAMHGRFSGDFTGFDKS
WSVTEQYLIPTEKDQPNTSMSRYDANKPATYAPEFQDPSKYPSPLDTSQPVGRDPINSQLTSAYGTSMLYGMHWILDVDN
WYGFGARADGTSKPSYINTFQRGEQESTWETIPQPCWDEHKFGGQYGFLDLFTKDTGTPAKQFKYTNAPDADARAVQATY
WADQWAKEQGKSVSTSVGKATKMGDYLRYSFFDKYFRKIGQPSQAGTGYDAAHYLLSWYYAWGGGIDSTWSWIIGSSHNH
FGYQNPFAAWVLSTDANFKPKSSNGASDWAKSLDRQLEFYQWLQSAEGAIAGGATNSWNGRYEAVPSGTSTFYGMGYVEN
PVYADPGSNTWFGMQVWSMQRVAELYYKTGDARAKKLLDKWAKWINGEIKFNADGTFQIPSTIDWEGQPDTWNPTQGYTG
NANLHVKVVNYGTDLGCASSLANTLTYYAAKSGDETSRQNAQKLLDAMWNNYSDSKGISTVEQRGDYHRFLDQEVFVPAG
WTGKMPNGDVIKSGVKFIDIRSKYKQDPEWQTMVAALQAGQVPTQRLHRFWAQSEFAVANGVYAILFPD
;
_entity_poly.pdbx_strand_id   A
#
loop_
_chem_comp.id
_chem_comp.type
_chem_comp.name
_chem_comp.formula
CA non-polymer 'CALCIUM ION' 'Ca 2'
GLC D-saccharide, alpha linking alpha-D-glucopyranose 'C6 H12 O6'
GLO D-saccharide D-glucose 'C6 H12 O6'
#
# COMPACT_ATOMS: atom_id res chain seq x y z
N ALA A 1 -11.43 26.51 -19.16
CA ALA A 1 -12.55 26.31 -18.22
C ALA A 1 -12.94 24.84 -18.13
N SER A 2 -13.19 24.35 -16.91
CA SER A 2 -13.57 22.96 -16.73
C SER A 2 -14.96 22.67 -17.27
N SER A 3 -15.13 21.46 -17.81
CA SER A 3 -16.41 21.03 -18.37
C SER A 3 -17.48 20.94 -17.28
N PRO A 4 -18.76 21.11 -17.66
CA PRO A 4 -19.87 21.04 -16.70
C PRO A 4 -19.89 19.69 -16.00
N ALA A 5 -20.27 19.68 -14.72
CA ALA A 5 -20.34 18.44 -13.96
C ALA A 5 -21.74 18.25 -13.40
N ASN A 6 -22.14 16.99 -13.23
CA ASN A 6 -23.47 16.67 -12.71
C ASN A 6 -23.67 17.27 -11.31
N LYS A 7 -24.59 18.23 -11.22
CA LYS A 7 -24.89 18.93 -9.98
C LYS A 7 -25.14 18.03 -8.76
N VAL A 8 -26.00 17.03 -8.92
CA VAL A 8 -26.34 16.12 -7.84
C VAL A 8 -25.13 15.48 -7.15
N TYR A 9 -24.28 14.83 -7.93
CA TYR A 9 -23.12 14.14 -7.40
C TYR A 9 -21.97 15.06 -7.00
N GLN A 10 -21.95 16.28 -7.54
CA GLN A 10 -20.92 17.24 -7.18
C GLN A 10 -21.21 17.67 -5.75
N ASP A 11 -22.50 17.89 -5.45
CA ASP A 11 -22.89 18.32 -4.11
C ASP A 11 -22.60 17.22 -3.09
N ARG A 12 -22.77 15.97 -3.51
CA ARG A 12 -22.49 14.87 -2.61
C ARG A 12 -21.00 14.85 -2.31
N PHE A 13 -20.18 15.24 -3.29
CA PHE A 13 -18.75 15.29 -3.05
C PHE A 13 -18.44 16.41 -2.06
N GLU A 14 -18.94 17.60 -2.34
CA GLU A 14 -18.71 18.76 -1.48
C GLU A 14 -19.20 18.52 -0.04
N SER A 15 -20.27 17.75 0.11
CA SER A 15 -20.80 17.43 1.43
C SER A 15 -19.80 16.54 2.18
N MET A 16 -19.35 15.48 1.52
CA MET A 16 -18.40 14.55 2.10
C MET A 16 -17.09 15.27 2.43
N TYR A 17 -16.65 16.13 1.53
CA TYR A 17 -15.41 16.88 1.76
C TYR A 17 -15.50 17.67 3.05
N SER A 18 -16.66 18.29 3.28
CA SER A 18 -16.88 19.09 4.49
C SER A 18 -16.89 18.26 5.75
N LYS A 19 -17.43 17.05 5.64
CA LYS A 19 -17.47 16.16 6.79
C LYS A 19 -16.06 15.65 7.10
N ILE A 20 -15.27 15.40 6.06
CA ILE A 20 -13.91 14.91 6.27
C ILE A 20 -12.95 15.97 6.82
N LYS A 21 -13.13 17.22 6.41
CA LYS A 21 -12.25 18.29 6.85
C LYS A 21 -12.79 19.00 8.10
N ASP A 22 -13.98 18.59 8.54
CA ASP A 22 -14.61 19.19 9.71
C ASP A 22 -13.85 18.86 11.00
N PRO A 23 -13.26 19.89 11.62
CA PRO A 23 -12.49 19.77 12.87
C PRO A 23 -13.20 18.93 13.92
N ALA A 24 -14.51 19.13 14.04
CA ALA A 24 -15.34 18.42 15.00
C ALA A 24 -15.43 16.91 14.76
N ASN A 25 -15.21 16.48 13.52
CA ASN A 25 -15.28 15.04 13.23
C ASN A 25 -14.01 14.27 13.59
N GLY A 26 -12.89 14.98 13.73
CA GLY A 26 -11.64 14.35 14.12
C GLY A 26 -10.90 13.40 13.19
N TYR A 27 -10.95 13.63 11.87
CA TYR A 27 -10.24 12.77 10.93
C TYR A 27 -8.74 13.11 10.88
N PHE A 28 -8.38 14.30 11.34
CA PHE A 28 -6.98 14.74 11.34
C PHE A 28 -6.42 15.04 12.73
N SER A 29 -5.11 14.94 12.87
CA SER A 29 -4.47 15.25 14.15
C SER A 29 -4.26 16.76 14.15
N GLU A 30 -3.79 17.30 15.27
CA GLU A 30 -3.55 18.74 15.35
C GLU A 30 -2.48 19.20 14.36
N GLN A 31 -1.66 18.27 13.87
CA GLN A 31 -0.61 18.63 12.92
C GLN A 31 -1.07 18.54 11.47
N GLY A 32 -2.36 18.24 11.27
CA GLY A 32 -2.90 18.15 9.92
C GLY A 32 -2.68 16.83 9.22
N ILE A 33 -2.27 15.81 9.97
CA ILE A 33 -2.04 14.49 9.40
C ILE A 33 -3.31 13.66 9.54
N PRO A 34 -3.75 12.98 8.47
CA PRO A 34 -4.97 12.18 8.60
C PRO A 34 -4.70 10.85 9.30
N TYR A 35 -5.64 10.42 10.15
CA TYR A 35 -5.51 9.14 10.84
C TYR A 35 -6.04 8.02 9.93
N HIS A 36 -5.76 6.77 10.29
CA HIS A 36 -6.25 5.64 9.53
C HIS A 36 -7.76 5.62 9.68
N SER A 37 -8.22 5.91 10.90
CA SER A 37 -9.65 5.93 11.19
C SER A 37 -9.93 6.79 12.42
N ILE A 38 -11.13 7.35 12.49
CA ILE A 38 -11.52 8.16 13.64
C ILE A 38 -11.41 7.32 14.90
N GLU A 39 -12.05 6.14 14.86
CA GLU A 39 -12.04 5.22 15.99
C GLU A 39 -10.63 4.73 16.29
N THR A 40 -10.25 4.68 17.57
CA THR A 40 -8.91 4.25 17.95
C THR A 40 -8.74 2.74 18.08
N LEU A 41 -9.75 2.03 18.59
CA LEU A 41 -9.65 0.58 18.73
C LEU A 41 -9.70 0.00 17.33
N MET A 42 -8.54 -0.06 16.68
CA MET A 42 -8.45 -0.51 15.30
C MET A 42 -7.24 -1.39 14.97
N VAL A 43 -7.51 -2.61 14.49
CA VAL A 43 -6.46 -3.56 14.11
C VAL A 43 -6.83 -4.32 12.82
N GLU A 44 -6.10 -4.06 11.73
CA GLU A 44 -6.35 -4.73 10.45
C GLU A 44 -5.15 -4.71 9.50
N ALA A 45 -4.42 -3.60 9.46
CA ALA A 45 -3.21 -3.47 8.65
C ALA A 45 -2.35 -2.79 9.72
N PRO A 46 -2.72 -1.56 10.12
CA PRO A 46 -1.89 -0.95 11.18
C PRO A 46 -2.57 -1.55 12.42
N ASP A 47 -1.98 -1.44 13.62
CA ASP A 47 -2.60 -2.02 14.80
C ASP A 47 -3.14 -1.01 15.81
N TYR A 48 -3.38 0.21 15.34
CA TYR A 48 -3.92 1.28 16.18
C TYR A 48 -4.57 2.32 15.26
N GLY A 49 -5.78 2.72 15.60
CA GLY A 49 -6.52 3.68 14.79
C GLY A 49 -5.85 5.00 14.47
N HIS A 50 -5.15 5.60 15.43
CA HIS A 50 -4.52 6.87 15.16
C HIS A 50 -3.08 6.82 14.67
N VAL A 51 -2.76 5.70 14.02
CA VAL A 51 -1.46 5.51 13.40
C VAL A 51 -1.83 5.78 11.95
N THR A 52 -0.97 6.44 11.18
CA THR A 52 -1.31 6.71 9.78
C THR A 52 -0.41 5.92 8.82
N THR A 53 -0.76 5.98 7.53
CA THR A 53 0.01 5.27 6.50
C THR A 53 0.19 6.13 5.26
N SER A 54 1.18 5.79 4.44
CA SER A 54 1.41 6.54 3.20
C SER A 54 0.17 6.35 2.32
N GLU A 55 -0.56 5.28 2.55
CA GLU A 55 -1.79 5.00 1.81
C GLU A 55 -2.83 6.09 2.11
N ALA A 56 -2.89 6.52 3.37
CA ALA A 56 -3.84 7.55 3.77
C ALA A 56 -3.45 8.88 3.14
N MET A 57 -2.15 9.19 3.15
CA MET A 57 -1.68 10.43 2.56
C MET A 57 -2.04 10.50 1.08
N SER A 58 -1.85 9.40 0.36
CA SER A 58 -2.18 9.39 -1.06
C SER A 58 -3.68 9.65 -1.27
N TYR A 59 -4.51 9.15 -0.37
CA TYR A 59 -5.95 9.37 -0.48
C TYR A 59 -6.30 10.80 -0.12
N TYR A 60 -5.45 11.42 0.70
CA TYR A 60 -5.65 12.79 1.13
C TYR A 60 -5.34 13.69 -0.07
N MET A 61 -4.37 13.29 -0.88
CA MET A 61 -3.99 14.04 -2.06
C MET A 61 -5.08 13.94 -3.12
N TRP A 62 -5.64 12.75 -3.28
CA TRP A 62 -6.69 12.50 -4.25
C TRP A 62 -7.93 13.32 -3.87
N LEU A 63 -8.26 13.31 -2.57
CA LEU A 63 -9.41 14.05 -2.07
C LEU A 63 -9.26 15.54 -2.39
N GLU A 64 -8.16 16.14 -1.95
CA GLU A 64 -7.91 17.56 -2.19
C GLU A 64 -7.85 17.97 -3.65
N ALA A 65 -7.34 17.09 -4.51
CA ALA A 65 -7.26 17.38 -5.94
C ALA A 65 -8.67 17.51 -6.53
N MET A 66 -9.55 16.59 -6.14
CA MET A 66 -10.92 16.59 -6.62
C MET A 66 -11.59 17.86 -6.10
N HIS A 67 -11.22 18.27 -4.90
CA HIS A 67 -11.76 19.48 -4.30
C HIS A 67 -11.32 20.66 -5.16
N GLY A 68 -10.06 20.62 -5.60
CA GLY A 68 -9.57 21.69 -6.46
C GLY A 68 -10.38 21.76 -7.73
N ARG A 69 -10.73 20.60 -8.27
CA ARG A 69 -11.51 20.52 -9.50
C ARG A 69 -12.88 21.21 -9.42
N PHE A 70 -13.47 21.23 -8.23
CA PHE A 70 -14.78 21.84 -8.07
C PHE A 70 -14.79 23.21 -7.43
N SER A 71 -13.70 23.57 -6.75
CA SER A 71 -13.66 24.86 -6.09
C SER A 71 -12.70 25.86 -6.71
N GLY A 72 -11.79 25.38 -7.54
CA GLY A 72 -10.82 26.27 -8.15
C GLY A 72 -9.71 26.58 -7.15
N ASP A 73 -9.85 26.07 -5.94
CA ASP A 73 -8.86 26.28 -4.88
C ASP A 73 -7.97 25.05 -4.73
N PHE A 74 -6.71 25.17 -5.11
CA PHE A 74 -5.78 24.06 -5.00
C PHE A 74 -4.78 24.15 -3.86
N THR A 75 -5.01 25.07 -2.93
CA THR A 75 -4.11 25.24 -1.79
C THR A 75 -4.15 24.00 -0.91
N GLY A 76 -5.31 23.36 -0.81
CA GLY A 76 -5.44 22.17 0.00
C GLY A 76 -4.56 21.04 -0.53
N PHE A 77 -4.54 20.90 -1.85
CA PHE A 77 -3.74 19.89 -2.51
C PHE A 77 -2.26 20.15 -2.21
N ASP A 78 -1.82 21.40 -2.39
CA ASP A 78 -0.43 21.74 -2.13
C ASP A 78 -0.11 21.47 -0.65
N LYS A 79 -1.08 21.71 0.22
CA LYS A 79 -0.89 21.48 1.65
C LYS A 79 -0.69 19.97 1.92
N SER A 80 -1.42 19.11 1.22
CA SER A 80 -1.28 17.69 1.44
C SER A 80 0.15 17.24 1.10
N TRP A 81 0.74 17.83 0.07
CA TRP A 81 2.11 17.50 -0.30
C TRP A 81 3.12 18.05 0.71
N SER A 82 2.79 19.19 1.32
CA SER A 82 3.68 19.78 2.32
C SER A 82 3.73 18.87 3.53
N VAL A 83 2.55 18.46 4.01
CA VAL A 83 2.46 17.60 5.18
C VAL A 83 3.18 16.29 4.92
N THR A 84 3.00 15.74 3.73
CA THR A 84 3.65 14.50 3.35
C THR A 84 5.17 14.64 3.46
N GLU A 85 5.72 15.57 2.70
CA GLU A 85 7.16 15.80 2.67
C GLU A 85 7.73 16.11 4.04
N GLN A 86 6.93 16.77 4.87
CA GLN A 86 7.38 17.14 6.20
C GLN A 86 7.34 15.98 7.19
N TYR A 87 6.33 15.13 7.11
CA TYR A 87 6.15 14.03 8.05
C TYR A 87 6.30 12.57 7.62
N LEU A 88 6.19 12.27 6.32
CA LEU A 88 6.31 10.87 5.89
C LEU A 88 7.53 10.54 5.04
N ILE A 89 8.17 11.57 4.50
CA ILE A 89 9.38 11.37 3.69
C ILE A 89 10.52 11.79 4.63
N PRO A 90 11.32 10.82 5.10
CA PRO A 90 12.44 11.07 6.01
C PRO A 90 13.30 12.24 5.58
N THR A 91 13.47 13.19 6.51
CA THR A 91 14.26 14.39 6.27
C THR A 91 15.75 14.10 6.40
N GLU A 92 16.57 15.12 6.16
CA GLU A 92 18.01 14.98 6.26
C GLU A 92 18.42 14.50 7.66
N LYS A 93 17.63 14.85 8.67
CA LYS A 93 17.91 14.43 10.05
C LYS A 93 17.57 12.94 10.27
N ASP A 94 16.54 12.46 9.59
CA ASP A 94 16.09 11.08 9.73
C ASP A 94 16.87 10.05 8.94
N GLN A 95 17.44 10.49 7.81
CA GLN A 95 18.25 9.60 6.99
C GLN A 95 19.50 10.38 6.58
N PRO A 96 20.39 10.66 7.57
CA PRO A 96 21.64 11.40 7.39
C PRO A 96 22.47 11.06 6.16
N ASN A 97 22.70 12.06 5.32
CA ASN A 97 23.47 11.87 4.10
C ASN A 97 24.88 11.35 4.39
N THR A 98 25.39 11.61 5.59
CA THR A 98 26.73 11.11 5.92
C THR A 98 26.75 9.60 5.78
N SER A 99 25.66 8.95 6.17
CA SER A 99 25.58 7.49 6.04
C SER A 99 25.15 7.06 4.65
N MET A 100 24.13 7.72 4.10
CA MET A 100 23.62 7.38 2.77
C MET A 100 24.65 7.53 1.66
N SER A 101 25.55 8.51 1.79
CA SER A 101 26.59 8.75 0.79
C SER A 101 27.69 7.67 0.85
N ARG A 102 27.66 6.84 1.90
CA ARG A 102 28.65 5.77 2.03
C ARG A 102 28.13 4.50 1.37
N TYR A 103 26.96 4.61 0.75
CA TYR A 103 26.32 3.50 0.07
C TYR A 103 27.18 2.97 -1.09
N ASP A 104 27.30 1.66 -1.20
CA ASP A 104 28.10 1.05 -2.27
C ASP A 104 27.17 0.36 -3.28
N ALA A 105 27.02 0.97 -4.45
CA ALA A 105 26.15 0.44 -5.49
C ALA A 105 26.51 -0.97 -5.97
N ASN A 106 27.76 -1.39 -5.78
CA ASN A 106 28.18 -2.73 -6.18
C ASN A 106 27.87 -3.78 -5.12
N LYS A 107 27.53 -3.32 -3.92
CA LYS A 107 27.20 -4.21 -2.80
C LYS A 107 26.09 -3.51 -2.00
N PRO A 108 24.88 -3.46 -2.57
CA PRO A 108 23.69 -2.83 -1.99
C PRO A 108 23.33 -3.22 -0.57
N ALA A 109 23.33 -4.52 -0.28
CA ALA A 109 22.98 -5.01 1.03
C ALA A 109 23.56 -6.39 1.29
N THR A 110 23.39 -6.86 2.52
CA THR A 110 23.86 -8.18 2.90
C THR A 110 22.67 -9.13 2.96
N TYR A 111 22.79 -10.25 2.26
CA TYR A 111 21.75 -11.25 2.21
C TYR A 111 21.32 -11.80 3.56
N ALA A 112 20.02 -12.00 3.70
CA ALA A 112 19.43 -12.57 4.90
C ALA A 112 18.19 -13.32 4.44
N PRO A 113 18.03 -14.58 4.85
CA PRO A 113 16.86 -15.36 4.43
C PRO A 113 15.53 -15.00 5.11
N GLU A 114 14.45 -15.41 4.47
CA GLU A 114 13.09 -15.21 4.98
C GLU A 114 12.60 -16.56 5.46
N PHE A 115 11.77 -16.58 6.50
CA PHE A 115 11.24 -17.83 7.03
C PHE A 115 9.72 -17.81 7.05
N GLN A 116 9.12 -18.99 6.88
CA GLN A 116 7.67 -19.14 6.86
C GLN A 116 6.98 -19.16 8.23
N ASP A 117 7.74 -18.86 9.28
CA ASP A 117 7.19 -18.82 10.62
C ASP A 117 8.01 -17.82 11.46
N PRO A 118 7.32 -16.98 12.24
CA PRO A 118 8.00 -15.98 13.07
C PRO A 118 9.02 -16.53 14.07
N SER A 119 8.85 -17.76 14.52
CA SER A 119 9.78 -18.32 15.51
C SER A 119 11.16 -18.67 14.97
N LYS A 120 11.35 -18.51 13.67
CA LYS A 120 12.66 -18.79 13.07
C LYS A 120 13.51 -17.51 13.05
N TYR A 121 12.90 -16.39 13.38
CA TYR A 121 13.62 -15.12 13.43
C TYR A 121 14.24 -14.98 14.80
N PRO A 122 15.34 -14.22 14.93
CA PRO A 122 16.09 -13.47 13.91
C PRO A 122 16.75 -14.25 12.78
N SER A 123 16.68 -13.67 11.58
CA SER A 123 17.27 -14.26 10.38
C SER A 123 18.77 -13.92 10.36
N PRO A 124 19.64 -14.92 10.16
CA PRO A 124 21.08 -14.66 10.14
C PRO A 124 21.61 -14.07 8.83
N LEU A 125 22.38 -12.99 8.94
CA LEU A 125 22.99 -12.35 7.78
C LEU A 125 24.12 -13.23 7.26
N ASP A 126 24.24 -13.33 5.93
CA ASP A 126 25.27 -14.15 5.32
C ASP A 126 25.99 -13.37 4.22
N THR A 127 27.19 -12.87 4.52
CA THR A 127 27.97 -12.12 3.55
C THR A 127 28.49 -12.97 2.39
N SER A 128 28.48 -14.29 2.54
CA SER A 128 28.98 -15.14 1.46
C SER A 128 27.97 -15.26 0.32
N GLN A 129 26.70 -15.02 0.62
CA GLN A 129 25.67 -15.11 -0.43
C GLN A 129 25.75 -13.94 -1.40
N PRO A 130 25.60 -14.22 -2.70
CA PRO A 130 25.67 -13.19 -3.74
C PRO A 130 24.59 -12.11 -3.69
N VAL A 131 24.98 -10.92 -4.10
CA VAL A 131 24.08 -9.79 -4.17
C VAL A 131 24.48 -9.05 -5.46
N GLY A 132 23.49 -8.67 -6.27
CA GLY A 132 23.78 -8.00 -7.52
C GLY A 132 24.12 -6.53 -7.40
N ARG A 133 24.25 -5.86 -8.54
CA ARG A 133 24.58 -4.43 -8.59
C ARG A 133 23.35 -3.54 -8.77
N ASP A 134 23.41 -2.36 -8.15
CA ASP A 134 22.35 -1.36 -8.23
C ASP A 134 22.67 -0.48 -9.44
N PRO A 135 21.81 -0.50 -10.48
CA PRO A 135 22.10 0.31 -11.67
C PRO A 135 21.54 1.72 -11.67
N ILE A 136 20.58 2.01 -10.81
CA ILE A 136 19.99 3.33 -10.83
C ILE A 136 20.49 4.37 -9.82
N ASN A 137 21.18 3.94 -8.78
CA ASN A 137 21.66 4.90 -7.78
C ASN A 137 22.49 6.04 -8.37
N SER A 138 23.37 5.73 -9.32
CA SER A 138 24.19 6.76 -9.94
C SER A 138 23.31 7.79 -10.68
N GLN A 139 22.22 7.32 -11.27
CA GLN A 139 21.31 8.20 -12.00
C GLN A 139 20.62 9.19 -11.07
N LEU A 140 20.24 8.71 -9.88
CA LEU A 140 19.54 9.52 -8.89
C LEU A 140 20.44 10.52 -8.16
N THR A 141 21.60 10.06 -7.69
CA THR A 141 22.50 10.97 -6.99
C THR A 141 22.95 12.05 -7.97
N SER A 142 23.08 11.67 -9.23
CA SER A 142 23.50 12.60 -10.27
C SER A 142 22.47 13.69 -10.58
N ALA A 143 21.20 13.30 -10.66
CA ALA A 143 20.13 14.25 -10.97
C ALA A 143 19.68 15.09 -9.79
N TYR A 144 19.77 14.55 -8.58
CA TYR A 144 19.33 15.26 -7.39
C TYR A 144 20.40 15.74 -6.42
N GLY A 145 21.66 15.39 -6.68
CA GLY A 145 22.75 15.83 -5.83
C GLY A 145 22.69 15.45 -4.36
N THR A 146 22.21 14.24 -4.07
CA THR A 146 22.11 13.73 -2.71
C THR A 146 21.95 12.22 -2.77
N SER A 147 22.30 11.54 -1.67
CA SER A 147 22.15 10.10 -1.58
C SER A 147 20.88 9.72 -0.83
N MET A 148 20.14 10.71 -0.32
CA MET A 148 18.92 10.44 0.41
C MET A 148 17.83 10.00 -0.57
N LEU A 149 16.93 9.12 -0.12
CA LEU A 149 15.87 8.66 -1.00
C LEU A 149 14.62 9.50 -0.78
N TYR A 150 13.89 9.76 -1.85
CA TYR A 150 12.67 10.55 -1.74
C TYR A 150 11.44 9.67 -1.99
N GLY A 151 11.02 8.97 -0.95
CA GLY A 151 9.86 8.10 -1.02
C GLY A 151 9.21 8.13 0.34
N MET A 152 7.94 7.77 0.45
CA MET A 152 7.27 7.78 1.74
C MET A 152 7.48 6.52 2.57
N HIS A 153 7.74 6.68 3.87
CA HIS A 153 7.85 5.54 4.76
C HIS A 153 6.35 5.20 4.90
N TRP A 154 6.00 3.92 4.95
CA TRP A 154 4.59 3.52 4.95
C TRP A 154 3.72 3.65 6.19
N ILE A 155 4.30 3.65 7.38
CA ILE A 155 3.48 3.73 8.58
C ILE A 155 4.04 4.73 9.59
N LEU A 156 3.15 5.52 10.20
CA LEU A 156 3.55 6.55 11.15
C LEU A 156 2.72 6.57 12.42
N ASP A 157 3.37 6.73 13.57
CA ASP A 157 2.69 6.82 14.88
C ASP A 157 2.43 8.33 15.05
N VAL A 158 1.31 8.80 14.51
CA VAL A 158 0.93 10.21 14.53
C VAL A 158 1.00 10.95 15.87
N ASP A 159 0.41 10.37 16.91
CA ASP A 159 0.43 11.03 18.21
C ASP A 159 1.39 10.43 19.23
N ASN A 160 2.36 9.66 18.75
CA ASN A 160 3.36 9.04 19.62
C ASN A 160 2.71 8.20 20.71
N TRP A 161 1.74 7.39 20.30
CA TRP A 161 1.01 6.49 21.18
C TRP A 161 1.91 5.40 21.76
N TYR A 162 2.91 4.96 20.99
CA TYR A 162 3.81 3.93 21.46
C TYR A 162 4.93 4.47 22.36
N GLY A 163 5.18 5.78 22.29
CA GLY A 163 6.18 6.39 23.14
C GLY A 163 7.61 6.43 22.63
N PHE A 164 7.85 5.98 21.41
CA PHE A 164 9.20 6.00 20.87
C PHE A 164 9.69 7.42 20.57
N GLY A 165 8.77 8.32 20.22
CA GLY A 165 9.13 9.69 19.94
C GLY A 165 9.90 9.85 18.64
N ALA A 166 10.49 11.04 18.44
CA ALA A 166 11.25 11.30 17.22
C ALA A 166 12.73 11.10 17.48
N ARG A 167 13.35 10.22 16.70
CA ARG A 167 14.77 9.92 16.83
C ARG A 167 15.17 9.67 18.28
N ALA A 168 14.38 8.80 18.91
CA ALA A 168 14.56 8.35 20.28
C ALA A 168 14.37 9.34 21.43
N ASP A 169 13.76 10.50 21.18
CA ASP A 169 13.57 11.43 22.30
C ASP A 169 12.39 11.03 23.18
N GLY A 170 11.62 10.05 22.72
CA GLY A 170 10.49 9.55 23.46
C GLY A 170 9.28 10.47 23.62
N THR A 171 9.44 11.76 23.34
CA THR A 171 8.32 12.69 23.52
C THR A 171 7.77 13.41 22.30
N SER A 172 8.55 13.53 21.22
CA SER A 172 8.07 14.22 20.04
C SER A 172 7.07 13.42 19.20
N LYS A 173 6.28 14.13 18.42
CA LYS A 173 5.29 13.55 17.52
C LYS A 173 5.39 14.31 16.20
N PRO A 174 5.18 13.64 15.05
CA PRO A 174 4.84 12.22 14.90
C PRO A 174 6.06 11.31 15.13
N SER A 175 5.83 10.01 15.19
CA SER A 175 6.91 9.06 15.44
C SER A 175 7.03 7.98 14.36
N TYR A 176 8.21 7.90 13.74
CA TYR A 176 8.47 6.91 12.71
C TYR A 176 8.60 5.53 13.35
N ILE A 177 7.74 4.61 12.96
CA ILE A 177 7.76 3.25 13.48
C ILE A 177 7.56 2.27 12.34
N ASN A 178 7.77 0.99 12.63
CA ASN A 178 7.51 -0.06 11.66
C ASN A 178 6.99 -1.26 12.44
N THR A 179 6.32 -2.17 11.75
CA THR A 179 5.78 -3.35 12.42
C THR A 179 6.25 -4.66 11.77
N PHE A 180 5.64 -5.04 10.65
CA PHE A 180 6.00 -6.29 9.96
C PHE A 180 7.51 -6.43 9.72
N GLN A 181 8.05 -7.60 10.06
CA GLN A 181 9.47 -7.88 9.90
C GLN A 181 9.74 -9.39 9.78
N ARG A 182 8.83 -10.21 10.28
CA ARG A 182 9.07 -11.65 10.29
C ARG A 182 8.31 -12.62 9.38
N GLY A 183 8.32 -12.36 8.07
CA GLY A 183 7.69 -13.27 7.14
C GLY A 183 6.19 -13.32 6.93
N GLU A 184 5.77 -14.23 6.04
CA GLU A 184 4.38 -14.40 5.64
C GLU A 184 3.40 -14.83 6.73
N GLN A 185 3.89 -15.41 7.81
CA GLN A 185 2.98 -15.84 8.87
C GLN A 185 2.85 -14.84 10.00
N GLU A 186 3.55 -13.71 9.89
CA GLU A 186 3.47 -12.70 10.95
C GLU A 186 2.34 -11.73 10.64
N SER A 187 1.17 -11.99 11.20
CA SER A 187 0.01 -11.13 11.00
C SER A 187 0.18 -9.84 11.80
N THR A 188 -0.79 -8.94 11.67
CA THR A 188 -0.78 -7.67 12.39
C THR A 188 -0.81 -7.93 13.89
N TRP A 189 -1.32 -9.08 14.29
CA TRP A 189 -1.42 -9.46 15.69
C TRP A 189 -0.16 -10.07 16.28
N GLU A 190 0.77 -10.45 15.43
CA GLU A 190 1.98 -11.11 15.89
C GLU A 190 3.27 -10.31 15.78
N THR A 191 3.15 -9.01 15.55
CA THR A 191 4.32 -8.14 15.43
C THR A 191 4.75 -7.59 16.78
N ILE A 192 5.87 -6.88 16.74
CA ILE A 192 6.42 -6.21 17.90
C ILE A 192 6.77 -4.82 17.35
N PRO A 193 5.89 -3.84 17.55
CA PRO A 193 6.15 -2.48 17.05
C PRO A 193 7.54 -2.00 17.45
N GLN A 194 8.27 -1.48 16.47
CA GLN A 194 9.62 -1.01 16.73
C GLN A 194 9.85 0.36 16.08
N PRO A 195 10.81 1.14 16.60
CA PRO A 195 11.09 2.46 16.02
C PRO A 195 11.99 2.35 14.79
N CYS A 196 11.82 3.29 13.85
CA CYS A 196 12.64 3.30 12.64
C CYS A 196 14.08 3.74 12.97
N TRP A 197 14.18 4.64 13.93
CA TRP A 197 15.45 5.17 14.39
C TRP A 197 15.75 4.45 15.70
N ASP A 198 16.65 3.46 15.65
CA ASP A 198 16.97 2.67 16.83
C ASP A 198 18.33 2.97 17.45
N GLU A 199 18.31 3.71 18.55
CA GLU A 199 19.52 4.06 19.28
C GLU A 199 19.71 3.19 20.51
N HIS A 200 18.97 2.08 20.56
CA HIS A 200 19.08 1.13 21.67
C HIS A 200 18.48 1.68 22.96
N LYS A 201 17.80 2.82 22.88
CA LYS A 201 17.21 3.42 24.07
C LYS A 201 15.95 2.70 24.55
N PHE A 202 15.29 1.97 23.65
CA PHE A 202 14.08 1.27 24.01
C PHE A 202 14.18 -0.19 23.62
N GLY A 203 13.32 -1.02 24.23
CA GLY A 203 13.32 -2.44 23.92
C GLY A 203 14.34 -3.21 24.75
N GLY A 204 15.20 -3.94 24.06
CA GLY A 204 16.22 -4.74 24.72
C GLY A 204 17.57 -4.07 24.77
N GLN A 205 18.61 -4.86 25.06
CA GLN A 205 19.95 -4.33 25.18
C GLN A 205 20.42 -3.64 23.89
N TYR A 206 19.95 -4.14 22.74
CA TYR A 206 20.33 -3.56 21.45
C TYR A 206 19.07 -3.08 20.73
N GLY A 207 18.16 -2.50 21.50
CA GLY A 207 16.91 -2.02 20.92
C GLY A 207 16.07 -3.20 20.49
N PHE A 208 15.52 -3.14 19.29
CA PHE A 208 14.70 -4.23 18.78
C PHE A 208 15.40 -4.99 17.66
N LEU A 209 16.59 -4.51 17.30
CA LEU A 209 17.38 -5.09 16.21
C LEU A 209 17.63 -6.58 16.19
N ASP A 210 18.07 -7.16 17.32
CA ASP A 210 18.35 -8.59 17.34
C ASP A 210 17.12 -9.48 17.43
N LEU A 211 15.94 -8.88 17.26
CA LEU A 211 14.72 -9.68 17.26
C LEU A 211 14.52 -10.12 15.81
N PHE A 212 15.06 -9.34 14.88
CA PHE A 212 14.87 -9.59 13.46
C PHE A 212 16.09 -10.00 12.65
N THR A 213 17.24 -9.43 12.98
CA THR A 213 18.47 -9.75 12.28
C THR A 213 19.57 -10.18 13.24
N LYS A 214 20.34 -11.18 12.83
CA LYS A 214 21.43 -11.69 13.65
C LYS A 214 22.76 -11.52 12.90
N ASP A 215 23.63 -10.66 13.42
CA ASP A 215 24.92 -10.41 12.78
C ASP A 215 26.03 -11.15 13.51
N THR A 216 27.26 -11.01 13.00
CA THR A 216 28.42 -11.65 13.61
C THR A 216 28.82 -10.93 14.89
N GLY A 217 28.55 -9.64 14.94
CA GLY A 217 28.90 -8.86 16.11
C GLY A 217 27.73 -8.18 16.80
N THR A 218 28.03 -7.02 17.39
CA THR A 218 27.05 -6.24 18.11
C THR A 218 26.20 -5.40 17.17
N PRO A 219 24.87 -5.42 17.34
CA PRO A 219 24.01 -4.62 16.45
C PRO A 219 24.40 -3.16 16.62
N ALA A 220 24.65 -2.47 15.51
CA ALA A 220 25.00 -1.06 15.58
C ALA A 220 23.74 -0.23 15.63
N LYS A 221 23.86 1.00 16.13
CA LYS A 221 22.70 1.89 16.17
C LYS A 221 22.39 2.19 14.71
N GLN A 222 21.12 2.09 14.33
CA GLN A 222 20.76 2.31 12.94
C GLN A 222 19.31 2.69 12.70
N PHE A 223 19.08 3.27 11.52
CA PHE A 223 17.75 3.67 11.08
C PHE A 223 17.40 2.82 9.87
N LYS A 224 16.11 2.66 9.62
CA LYS A 224 15.64 1.89 8.47
C LYS A 224 14.24 2.35 8.12
N TYR A 225 13.96 2.46 6.82
CA TYR A 225 12.65 2.89 6.35
C TYR A 225 12.13 1.93 5.29
N THR A 226 10.81 1.79 5.24
CA THR A 226 10.19 0.88 4.29
C THR A 226 9.08 1.57 3.51
N ASN A 227 9.17 1.44 2.20
CA ASN A 227 8.22 2.05 1.29
C ASN A 227 7.07 1.12 0.91
N ALA A 228 5.91 1.70 0.63
CA ALA A 228 4.73 0.96 0.20
C ALA A 228 4.50 1.50 -1.20
N PRO A 229 5.14 0.88 -2.21
CA PRO A 229 5.06 1.26 -3.62
C PRO A 229 3.69 1.64 -4.18
N ASP A 230 2.64 0.92 -3.78
CA ASP A 230 1.32 1.22 -4.29
C ASP A 230 0.84 2.62 -3.87
N ALA A 231 1.27 3.05 -2.69
CA ALA A 231 0.89 4.37 -2.17
C ALA A 231 1.60 5.49 -2.93
N ASP A 232 2.90 5.35 -3.13
CA ASP A 232 3.65 6.37 -3.85
C ASP A 232 3.14 6.48 -5.28
N ALA A 233 2.75 5.35 -5.86
CA ALA A 233 2.24 5.35 -7.23
C ALA A 233 0.89 6.08 -7.26
N ARG A 234 0.08 5.88 -6.22
CA ARG A 234 -1.22 6.54 -6.15
C ARG A 234 -1.03 8.06 -6.00
N ALA A 235 0.05 8.45 -5.31
CA ALA A 235 0.32 9.86 -5.13
C ALA A 235 0.64 10.48 -6.49
N VAL A 236 1.32 9.72 -7.35
CA VAL A 236 1.66 10.21 -8.68
C VAL A 236 0.37 10.31 -9.48
N GLN A 237 -0.47 9.29 -9.37
CA GLN A 237 -1.75 9.24 -10.06
C GLN A 237 -2.60 10.46 -9.71
N ALA A 238 -2.73 10.72 -8.41
CA ALA A 238 -3.53 11.85 -7.94
C ALA A 238 -2.96 13.18 -8.39
N THR A 239 -1.64 13.31 -8.33
CA THR A 239 -1.02 14.57 -8.71
C THR A 239 -1.25 14.90 -10.18
N TYR A 240 -1.29 13.86 -11.02
CA TYR A 240 -1.53 14.04 -12.45
C TYR A 240 -2.90 14.69 -12.67
N TRP A 241 -3.92 14.16 -12.02
CA TRP A 241 -5.26 14.72 -12.18
C TRP A 241 -5.32 16.14 -11.63
N ALA A 242 -4.61 16.40 -10.54
CA ALA A 242 -4.58 17.73 -9.95
C ALA A 242 -3.99 18.71 -10.97
N ASP A 243 -2.96 18.27 -11.68
CA ASP A 243 -2.31 19.09 -12.68
C ASP A 243 -3.28 19.38 -13.83
N GLN A 244 -3.90 18.31 -14.34
CA GLN A 244 -4.87 18.45 -15.43
C GLN A 244 -5.99 19.44 -15.05
N TRP A 245 -6.66 19.16 -13.94
CA TRP A 245 -7.74 20.01 -13.48
C TRP A 245 -7.31 21.45 -13.20
N ALA A 246 -6.09 21.63 -12.70
CA ALA A 246 -5.59 22.98 -12.43
C ALA A 246 -5.46 23.77 -13.73
N LYS A 247 -4.85 23.16 -14.74
CA LYS A 247 -4.67 23.82 -16.02
C LYS A 247 -5.98 24.14 -16.72
N GLU A 248 -7.01 23.35 -16.49
CA GLU A 248 -8.30 23.62 -17.12
C GLU A 248 -8.92 24.90 -16.55
N GLN A 249 -8.40 25.34 -15.42
CA GLN A 249 -8.90 26.55 -14.75
C GLN A 249 -7.84 27.64 -14.65
N GLY A 250 -6.78 27.53 -15.46
CA GLY A 250 -5.75 28.54 -15.42
C GLY A 250 -4.99 28.63 -14.11
N LYS A 251 -5.11 27.62 -13.26
CA LYS A 251 -4.39 27.59 -11.99
C LYS A 251 -3.17 26.70 -12.19
N SER A 252 -2.33 26.58 -11.17
CA SER A 252 -1.13 25.76 -11.27
C SER A 252 -0.71 25.07 -9.96
N VAL A 253 -0.18 23.86 -10.10
CA VAL A 253 0.32 23.10 -8.95
C VAL A 253 1.72 22.62 -9.30
N SER A 254 2.43 23.48 -10.02
CA SER A 254 3.79 23.21 -10.48
C SER A 254 4.69 22.60 -9.41
N THR A 255 4.72 23.22 -8.24
CA THR A 255 5.56 22.72 -7.14
C THR A 255 5.26 21.27 -6.78
N SER A 256 3.98 20.93 -6.65
CA SER A 256 3.57 19.57 -6.31
C SER A 256 3.94 18.56 -7.40
N VAL A 257 3.79 18.97 -8.66
CA VAL A 257 4.13 18.09 -9.78
C VAL A 257 5.61 17.68 -9.69
N GLY A 258 6.45 18.60 -9.26
CA GLY A 258 7.87 18.30 -9.13
C GLY A 258 8.15 17.24 -8.08
N LYS A 259 7.52 17.37 -6.91
CA LYS A 259 7.69 16.41 -5.84
C LYS A 259 7.24 15.03 -6.30
N ALA A 260 6.09 14.97 -6.96
CA ALA A 260 5.56 13.71 -7.45
C ALA A 260 6.48 13.04 -8.48
N THR A 261 7.06 13.85 -9.37
CA THR A 261 7.97 13.33 -10.39
C THR A 261 9.23 12.77 -9.73
N LYS A 262 9.75 13.47 -8.73
CA LYS A 262 10.93 13.00 -8.04
C LYS A 262 10.60 11.70 -7.31
N MET A 263 9.43 11.65 -6.67
CA MET A 263 8.98 10.45 -5.97
C MET A 263 8.89 9.28 -6.94
N GLY A 264 8.32 9.54 -8.12
CA GLY A 264 8.20 8.50 -9.13
C GLY A 264 9.55 8.04 -9.65
N ASP A 265 10.56 8.91 -9.59
CA ASP A 265 11.90 8.56 -10.07
C ASP A 265 12.49 7.53 -9.12
N TYR A 266 12.36 7.81 -7.82
CA TYR A 266 12.85 6.94 -6.77
C TYR A 266 12.04 5.66 -6.63
N LEU A 267 10.75 5.72 -7.00
CA LEU A 267 9.89 4.56 -6.90
C LEU A 267 10.40 3.39 -7.74
N ARG A 268 11.30 3.67 -8.68
CA ARG A 268 11.85 2.61 -9.53
C ARG A 268 12.63 1.57 -8.74
N TYR A 269 13.00 1.87 -7.50
CA TYR A 269 13.71 0.89 -6.68
C TYR A 269 12.82 -0.33 -6.43
N SER A 270 11.52 -0.18 -6.61
CA SER A 270 10.60 -1.30 -6.42
C SER A 270 10.65 -2.23 -7.64
N PHE A 271 11.29 -1.77 -8.71
CA PHE A 271 11.39 -2.57 -9.94
C PHE A 271 12.42 -3.70 -9.82
N PHE A 272 13.23 -3.68 -8.77
CA PHE A 272 14.28 -4.68 -8.61
C PHE A 272 14.11 -5.78 -7.56
N ASP A 273 14.77 -6.91 -7.83
CA ASP A 273 14.79 -8.05 -6.94
C ASP A 273 15.41 -7.57 -5.62
N LYS A 274 14.91 -8.09 -4.50
CA LYS A 274 15.37 -7.70 -3.18
C LYS A 274 16.89 -7.51 -3.06
N TYR A 275 17.65 -8.54 -3.40
CA TYR A 275 19.10 -8.49 -3.33
C TYR A 275 19.72 -8.43 -4.71
N PHE A 276 18.98 -7.81 -5.63
CA PHE A 276 19.39 -7.66 -7.01
C PHE A 276 19.89 -8.92 -7.72
N ARG A 277 19.13 -10.01 -7.61
CA ARG A 277 19.48 -11.26 -8.27
C ARG A 277 18.80 -11.23 -9.65
N LYS A 278 19.36 -11.92 -10.63
CA LYS A 278 18.77 -11.93 -11.97
C LYS A 278 17.36 -12.50 -11.98
N ILE A 279 16.45 -11.83 -12.67
CA ILE A 279 15.06 -12.28 -12.76
C ILE A 279 15.06 -13.57 -13.60
N GLY A 280 14.52 -14.64 -13.03
CA GLY A 280 14.46 -15.90 -13.76
C GLY A 280 15.64 -16.83 -13.52
N GLN A 281 16.63 -16.34 -12.76
CA GLN A 281 17.84 -17.09 -12.40
C GLN A 281 18.31 -16.56 -11.06
N PRO A 282 17.50 -16.75 -10.01
CA PRO A 282 17.79 -16.29 -8.64
C PRO A 282 19.12 -16.68 -8.01
N SER A 283 19.78 -17.70 -8.53
CA SER A 283 21.06 -18.11 -7.95
C SER A 283 22.23 -17.19 -8.32
N GLN A 284 22.04 -16.39 -9.37
CA GLN A 284 23.09 -15.48 -9.82
C GLN A 284 22.88 -14.02 -9.46
N ALA A 285 23.99 -13.34 -9.17
CA ALA A 285 23.94 -11.92 -8.85
C ALA A 285 23.73 -11.18 -10.15
N GLY A 286 22.86 -10.17 -10.14
CA GLY A 286 22.60 -9.41 -11.35
C GLY A 286 23.73 -8.46 -11.69
N THR A 287 23.75 -8.00 -12.93
CA THR A 287 24.78 -7.07 -13.39
C THR A 287 24.16 -5.73 -13.72
N GLY A 288 22.95 -5.50 -13.22
CA GLY A 288 22.29 -4.24 -13.49
C GLY A 288 20.79 -4.44 -13.68
N TYR A 289 20.29 -4.06 -14.85
CA TYR A 289 18.87 -4.19 -15.15
C TYR A 289 18.41 -5.61 -15.37
N ASP A 290 19.33 -6.56 -15.48
CA ASP A 290 18.92 -7.95 -15.65
C ASP A 290 18.27 -8.42 -14.34
N ALA A 291 18.28 -7.54 -13.35
CA ALA A 291 17.69 -7.83 -12.04
C ALA A 291 16.41 -7.01 -11.82
N ALA A 292 15.87 -6.44 -12.88
CA ALA A 292 14.64 -5.67 -12.76
C ALA A 292 13.46 -6.41 -13.37
N HIS A 293 12.42 -6.62 -12.58
CA HIS A 293 11.21 -7.28 -13.08
C HIS A 293 10.26 -6.22 -13.61
N TYR A 294 10.56 -4.96 -13.29
CA TYR A 294 9.80 -3.81 -13.76
C TYR A 294 8.36 -3.71 -13.28
N LEU A 295 8.06 -4.41 -12.18
CA LEU A 295 6.72 -4.37 -11.59
C LEU A 295 6.83 -3.66 -10.25
N LEU A 296 5.71 -3.22 -9.70
CA LEU A 296 5.74 -2.54 -8.41
C LEU A 296 5.69 -3.64 -7.34
N SER A 297 6.86 -3.97 -6.80
CA SER A 297 6.96 -5.02 -5.80
C SER A 297 6.37 -4.57 -4.47
N TRP A 298 6.33 -5.49 -3.51
CA TRP A 298 5.76 -5.21 -2.21
C TRP A 298 6.41 -4.04 -1.49
N TYR A 299 7.65 -3.73 -1.83
CA TYR A 299 8.35 -2.61 -1.18
C TYR A 299 9.81 -2.51 -1.61
N TYR A 300 10.46 -1.48 -1.07
CA TYR A 300 11.88 -1.26 -1.23
C TYR A 300 12.18 -0.62 0.11
N ALA A 301 13.37 -0.88 0.64
CA ALA A 301 13.71 -0.35 1.94
C ALA A 301 15.16 0.08 1.99
N TRP A 302 15.48 0.94 2.94
CA TRP A 302 16.84 1.42 3.08
C TRP A 302 17.09 1.80 4.53
N GLY A 303 18.36 1.79 4.90
CA GLY A 303 18.73 2.14 6.27
C GLY A 303 20.22 2.40 6.31
N GLY A 304 20.71 2.79 7.48
CA GLY A 304 22.12 3.08 7.60
C GLY A 304 22.49 3.25 9.06
N GLY A 305 23.77 3.49 9.32
CA GLY A 305 24.22 3.65 10.68
C GLY A 305 23.94 5.02 11.26
N ILE A 306 23.79 5.07 12.57
CA ILE A 306 23.55 6.31 13.26
C ILE A 306 24.88 6.77 13.86
N ASP A 307 25.60 5.83 14.48
CA ASP A 307 26.88 6.14 15.11
C ASP A 307 28.07 5.91 14.18
N SER A 308 27.85 5.23 13.06
CA SER A 308 28.90 4.98 12.09
C SER A 308 28.31 5.11 10.68
N THR A 309 29.15 5.48 9.71
CA THR A 309 28.68 5.68 8.34
C THR A 309 28.72 4.46 7.44
N TRP A 310 27.53 4.05 7.01
CA TRP A 310 27.32 2.92 6.11
C TRP A 310 25.82 2.88 5.82
N SER A 311 25.42 2.22 4.74
CA SER A 311 24.01 2.13 4.40
C SER A 311 23.71 1.02 3.41
N TRP A 312 22.42 0.74 3.26
CA TRP A 312 21.96 -0.32 2.37
C TRP A 312 20.60 0.02 1.77
N ILE A 313 20.28 -0.62 0.65
CA ILE A 313 18.99 -0.43 -0.02
C ILE A 313 18.59 -1.80 -0.58
N ILE A 314 17.31 -2.14 -0.48
CA ILE A 314 16.84 -3.41 -1.02
C ILE A 314 15.54 -3.19 -1.75
N GLY A 315 15.30 -4.03 -2.75
CA GLY A 315 14.05 -3.95 -3.48
C GLY A 315 13.19 -5.04 -2.88
N SER A 316 12.41 -5.72 -3.72
CA SER A 316 11.58 -6.82 -3.25
C SER A 316 11.41 -7.82 -4.40
N SER A 317 11.37 -9.10 -4.06
CA SER A 317 11.22 -10.14 -5.06
C SER A 317 9.76 -10.53 -5.27
N HIS A 318 8.92 -10.13 -4.32
CA HIS A 318 7.51 -10.47 -4.38
C HIS A 318 6.66 -9.42 -5.07
N ASN A 319 5.84 -9.89 -6.01
CA ASN A 319 4.97 -9.00 -6.77
C ASN A 319 3.51 -9.41 -6.65
N HIS A 320 2.67 -8.46 -6.28
CA HIS A 320 1.23 -8.67 -6.12
C HIS A 320 0.54 -7.80 -7.17
N PHE A 321 -0.52 -8.30 -7.80
CA PHE A 321 -1.21 -7.52 -8.83
C PHE A 321 -1.91 -6.31 -8.23
N GLY A 322 -2.31 -6.42 -6.96
CA GLY A 322 -3.00 -5.32 -6.32
C GLY A 322 -2.17 -4.06 -6.14
N TYR A 323 -0.86 -4.18 -6.26
CA TYR A 323 0.03 -3.03 -6.11
C TYR A 323 0.33 -2.29 -7.41
N GLN A 324 0.10 -2.95 -8.55
CA GLN A 324 0.39 -2.34 -9.84
C GLN A 324 -0.40 -1.07 -10.13
N ASN A 325 0.16 -0.23 -10.98
CA ASN A 325 -0.49 1.03 -11.36
C ASN A 325 -0.05 1.43 -12.78
N PRO A 326 -0.74 0.88 -13.80
CA PRO A 326 -0.47 1.16 -15.21
C PRO A 326 -0.60 2.64 -15.57
N PHE A 327 -1.51 3.33 -14.89
CA PHE A 327 -1.74 4.75 -15.15
C PHE A 327 -0.55 5.61 -14.72
N ALA A 328 -0.04 5.39 -13.52
CA ALA A 328 1.10 6.14 -13.02
C ALA A 328 2.28 5.93 -13.97
N ALA A 329 2.41 4.71 -14.48
CA ALA A 329 3.51 4.40 -15.40
C ALA A 329 3.30 5.14 -16.73
N TRP A 330 2.05 5.21 -17.17
CA TRP A 330 1.75 5.92 -18.41
C TRP A 330 2.11 7.39 -18.25
N VAL A 331 1.77 7.95 -17.10
CA VAL A 331 2.05 9.35 -16.81
C VAL A 331 3.54 9.68 -16.82
N LEU A 332 4.30 8.97 -15.99
CA LEU A 332 5.74 9.19 -15.86
C LEU A 332 6.57 8.86 -17.12
N SER A 333 5.99 8.14 -18.08
CA SER A 333 6.74 7.81 -19.28
C SER A 333 6.29 8.57 -20.53
N THR A 334 5.09 9.11 -20.52
CA THR A 334 4.61 9.81 -21.70
C THR A 334 4.29 11.28 -21.53
N ASP A 335 4.01 11.72 -20.30
CA ASP A 335 3.70 13.13 -20.10
C ASP A 335 4.97 13.93 -19.82
N ALA A 336 5.24 14.93 -20.64
CA ALA A 336 6.44 15.75 -20.51
C ALA A 336 6.53 16.49 -19.18
N ASN A 337 5.39 16.78 -18.56
CA ASN A 337 5.37 17.49 -17.28
C ASN A 337 5.81 16.60 -16.13
N PHE A 338 5.67 15.30 -16.29
CA PHE A 338 6.05 14.34 -15.26
C PHE A 338 7.28 13.53 -15.66
N LYS A 339 8.11 14.08 -16.54
CA LYS A 339 9.31 13.38 -16.97
C LYS A 339 10.34 13.45 -15.86
N PRO A 340 10.75 12.29 -15.31
CA PRO A 340 11.76 12.27 -14.23
C PRO A 340 13.07 12.89 -14.71
N LYS A 341 13.76 13.59 -13.82
CA LYS A 341 15.03 14.23 -14.18
C LYS A 341 16.18 13.26 -14.44
N SER A 342 16.07 12.02 -13.94
CA SER A 342 17.14 11.05 -14.13
C SER A 342 17.22 10.65 -15.60
N SER A 343 18.38 10.17 -16.02
CA SER A 343 18.57 9.78 -17.41
C SER A 343 17.63 8.70 -17.91
N ASN A 344 17.37 7.67 -17.10
CA ASN A 344 16.50 6.58 -17.53
C ASN A 344 15.11 6.50 -16.91
N GLY A 345 14.73 7.53 -16.16
CA GLY A 345 13.43 7.52 -15.50
C GLY A 345 12.25 7.21 -16.39
N ALA A 346 12.05 8.05 -17.40
CA ALA A 346 10.94 7.89 -18.34
C ALA A 346 10.95 6.54 -19.05
N SER A 347 12.11 6.14 -19.58
CA SER A 347 12.22 4.89 -20.30
C SER A 347 11.99 3.65 -19.45
N ASP A 348 12.39 3.67 -18.18
CA ASP A 348 12.18 2.52 -17.31
C ASP A 348 10.69 2.37 -17.03
N TRP A 349 10.01 3.50 -16.83
CA TRP A 349 8.58 3.47 -16.59
C TRP A 349 7.83 3.02 -17.83
N ALA A 350 8.43 3.24 -19.01
CA ALA A 350 7.81 2.82 -20.27
C ALA A 350 7.83 1.31 -20.27
N LYS A 351 8.95 0.74 -19.82
CA LYS A 351 9.08 -0.71 -19.75
C LYS A 351 8.15 -1.26 -18.68
N SER A 352 8.01 -0.54 -17.57
CA SER A 352 7.13 -0.97 -16.50
C SER A 352 5.67 -1.08 -16.97
N LEU A 353 5.21 -0.08 -17.70
CA LEU A 353 3.86 -0.08 -18.22
C LEU A 353 3.57 -1.36 -19.01
N ASP A 354 4.41 -1.67 -20.00
CA ASP A 354 4.19 -2.89 -20.79
C ASP A 354 4.28 -4.15 -19.96
N ARG A 355 5.23 -4.19 -19.03
CA ARG A 355 5.39 -5.37 -18.20
C ARG A 355 4.20 -5.56 -17.26
N GLN A 356 3.67 -4.45 -16.74
CA GLN A 356 2.52 -4.52 -15.84
C GLN A 356 1.26 -5.06 -16.52
N LEU A 357 0.95 -4.59 -17.72
CA LEU A 357 -0.25 -5.05 -18.41
C LEU A 357 -0.15 -6.52 -18.77
N GLU A 358 1.08 -7.01 -18.95
CA GLU A 358 1.28 -8.43 -19.24
C GLU A 358 1.00 -9.20 -17.96
N PHE A 359 1.45 -8.63 -16.83
CA PHE A 359 1.26 -9.26 -15.53
C PHE A 359 -0.22 -9.46 -15.20
N TYR A 360 -1.03 -8.42 -15.44
CA TYR A 360 -2.47 -8.48 -15.20
C TYR A 360 -3.12 -9.58 -16.02
N GLN A 361 -2.83 -9.59 -17.32
CA GLN A 361 -3.42 -10.58 -18.21
C GLN A 361 -3.03 -12.01 -17.84
N TRP A 362 -1.77 -12.21 -17.47
CA TRP A 362 -1.30 -13.53 -17.07
C TRP A 362 -2.06 -14.08 -15.87
N LEU A 363 -2.48 -13.18 -14.97
CA LEU A 363 -3.18 -13.58 -13.76
C LEU A 363 -4.71 -13.56 -13.85
N GLN A 364 -5.26 -13.23 -15.02
CA GLN A 364 -6.71 -13.18 -15.15
C GLN A 364 -7.31 -14.58 -15.20
N SER A 365 -8.15 -14.88 -14.21
CA SER A 365 -8.79 -16.18 -14.10
C SER A 365 -9.85 -16.44 -15.15
N ALA A 366 -10.25 -17.71 -15.28
CA ALA A 366 -11.27 -18.10 -16.23
C ALA A 366 -12.52 -17.23 -16.08
N GLU A 367 -12.86 -16.89 -14.84
CA GLU A 367 -14.03 -16.07 -14.55
C GLU A 367 -13.81 -14.57 -14.83
N GLY A 368 -12.59 -14.09 -14.58
CA GLY A 368 -12.33 -12.67 -14.82
C GLY A 368 -11.56 -11.96 -13.72
N ALA A 369 -11.62 -12.48 -12.49
CA ALA A 369 -10.90 -11.86 -11.37
C ALA A 369 -9.39 -12.09 -11.55
N ILE A 370 -8.58 -11.19 -11.00
CA ILE A 370 -7.14 -11.29 -11.12
C ILE A 370 -6.50 -12.09 -9.98
N ALA A 371 -5.70 -13.08 -10.33
CA ALA A 371 -5.02 -13.92 -9.34
C ALA A 371 -3.89 -13.15 -8.66
N GLY A 372 -3.35 -13.75 -7.59
CA GLY A 372 -2.29 -13.15 -6.77
C GLY A 372 -1.09 -12.46 -7.38
N GLY A 373 -0.08 -13.25 -7.78
CA GLY A 373 1.12 -12.66 -8.34
C GLY A 373 2.24 -13.66 -8.55
N ALA A 374 3.47 -13.19 -8.40
CA ALA A 374 4.65 -14.04 -8.59
C ALA A 374 5.84 -13.56 -7.78
N THR A 375 6.84 -14.41 -7.64
CA THR A 375 8.03 -14.07 -6.89
C THR A 375 9.29 -14.57 -7.58
N ASN A 376 10.40 -13.87 -7.37
CA ASN A 376 11.66 -14.29 -7.96
C ASN A 376 12.46 -14.99 -6.87
N SER A 377 11.90 -15.07 -5.67
CA SER A 377 12.58 -15.71 -4.55
C SER A 377 11.65 -16.72 -3.84
N TRP A 378 11.64 -17.94 -4.35
CA TRP A 378 10.78 -18.96 -3.77
C TRP A 378 11.07 -19.15 -2.28
N ASN A 379 10.01 -19.09 -1.48
CA ASN A 379 10.13 -19.22 -0.03
C ASN A 379 11.02 -18.14 0.55
N GLY A 380 11.23 -17.07 -0.20
CA GLY A 380 12.06 -15.96 0.26
C GLY A 380 13.52 -16.30 0.51
N ARG A 381 13.98 -17.42 -0.07
CA ARG A 381 15.36 -17.86 0.10
C ARG A 381 15.93 -18.30 -1.25
N TYR A 382 15.35 -17.79 -2.33
CA TYR A 382 15.80 -18.14 -3.67
C TYR A 382 15.90 -19.65 -3.85
N GLU A 383 14.88 -20.38 -3.41
CA GLU A 383 14.89 -21.83 -3.56
C GLU A 383 14.35 -22.25 -4.91
N ALA A 384 14.62 -23.50 -5.27
CA ALA A 384 14.16 -24.04 -6.54
C ALA A 384 12.65 -24.02 -6.63
N VAL A 385 12.13 -23.51 -7.74
CA VAL A 385 10.69 -23.45 -7.94
C VAL A 385 10.18 -24.86 -8.15
N PRO A 386 9.20 -25.30 -7.34
CA PRO A 386 8.65 -26.64 -7.47
C PRO A 386 8.26 -26.90 -8.93
N SER A 387 8.53 -28.12 -9.41
CA SER A 387 8.19 -28.46 -10.79
C SER A 387 6.67 -28.43 -11.00
N GLY A 388 6.24 -27.96 -12.15
CA GLY A 388 4.82 -27.88 -12.42
C GLY A 388 4.24 -26.52 -12.09
N THR A 389 5.01 -25.70 -11.37
CA THR A 389 4.57 -24.36 -11.02
C THR A 389 4.66 -23.43 -12.23
N SER A 390 3.59 -22.70 -12.52
CA SER A 390 3.61 -21.78 -13.65
C SER A 390 4.54 -20.62 -13.36
N THR A 391 5.04 -19.98 -14.43
CA THR A 391 5.96 -18.88 -14.25
C THR A 391 5.68 -17.71 -15.18
N PHE A 392 6.17 -16.55 -14.77
CA PHE A 392 6.04 -15.30 -15.51
C PHE A 392 7.46 -14.75 -15.59
N TYR A 393 8.07 -14.86 -16.76
CA TYR A 393 9.44 -14.41 -16.97
C TYR A 393 10.40 -15.06 -15.95
N GLY A 394 10.20 -16.34 -15.69
CA GLY A 394 11.06 -17.04 -14.75
C GLY A 394 10.62 -16.96 -13.30
N MET A 395 9.63 -16.14 -13.00
CA MET A 395 9.15 -16.00 -11.63
C MET A 395 7.98 -16.93 -11.37
N GLY A 396 8.02 -17.61 -10.22
CA GLY A 396 6.98 -18.54 -9.86
C GLY A 396 5.69 -17.91 -9.37
N TYR A 397 4.58 -18.47 -9.82
CA TYR A 397 3.26 -17.98 -9.43
C TYR A 397 3.01 -18.24 -7.96
N VAL A 398 2.49 -17.24 -7.26
CA VAL A 398 2.16 -17.39 -5.85
C VAL A 398 0.73 -16.92 -5.68
N GLU A 399 -0.08 -17.74 -5.04
CA GLU A 399 -1.49 -17.43 -4.83
C GLU A 399 -1.71 -16.25 -3.88
N ASN A 400 -0.94 -16.20 -2.80
CA ASN A 400 -1.07 -15.13 -1.83
C ASN A 400 0.30 -14.53 -1.51
N PRO A 401 0.79 -13.64 -2.39
CA PRO A 401 2.09 -12.98 -2.26
C PRO A 401 2.35 -12.35 -0.90
N VAL A 402 3.56 -12.55 -0.38
CA VAL A 402 4.00 -11.94 0.87
C VAL A 402 3.31 -12.38 2.17
N TYR A 403 1.99 -12.26 2.26
CA TYR A 403 1.28 -12.63 3.49
C TYR A 403 0.28 -13.77 3.33
N ALA A 404 0.20 -14.61 4.35
CA ALA A 404 -0.71 -15.75 4.33
C ALA A 404 -1.64 -15.77 5.53
N ASP A 405 -1.55 -14.75 6.38
CA ASP A 405 -2.38 -14.69 7.58
C ASP A 405 -2.99 -13.30 7.82
N PRO A 406 -4.07 -12.95 7.09
CA PRO A 406 -4.77 -13.75 6.08
C PRO A 406 -4.10 -13.64 4.70
N GLY A 407 -4.50 -14.51 3.77
CA GLY A 407 -3.92 -14.47 2.44
C GLY A 407 -4.09 -13.09 1.82
N SER A 408 -2.97 -12.51 1.38
CA SER A 408 -2.98 -11.17 0.77
C SER A 408 -3.94 -11.03 -0.41
N ASN A 409 -4.34 -12.13 -1.03
CA ASN A 409 -5.27 -11.99 -2.14
C ASN A 409 -6.63 -12.64 -1.87
N THR A 410 -7.06 -12.62 -0.61
CA THR A 410 -8.38 -13.16 -0.24
C THR A 410 -9.32 -11.97 0.04
N TRP A 411 -8.77 -10.76 0.07
CA TRP A 411 -9.54 -9.54 0.30
C TRP A 411 -9.97 -8.97 -1.06
N PHE A 412 -11.28 -8.85 -1.26
CA PHE A 412 -11.81 -8.35 -2.54
C PHE A 412 -11.25 -6.98 -2.92
N GLY A 413 -10.95 -6.17 -1.92
CA GLY A 413 -10.42 -4.83 -2.17
C GLY A 413 -9.30 -4.70 -3.19
N MET A 414 -8.39 -5.67 -3.23
CA MET A 414 -7.28 -5.60 -4.19
C MET A 414 -7.82 -5.60 -5.63
N GLN A 415 -8.98 -6.22 -5.83
CA GLN A 415 -9.58 -6.28 -7.16
C GLN A 415 -9.93 -4.87 -7.68
N VAL A 416 -10.68 -4.11 -6.90
CA VAL A 416 -11.10 -2.78 -7.33
C VAL A 416 -10.01 -1.71 -7.28
N TRP A 417 -9.19 -1.73 -6.24
CA TRP A 417 -8.11 -0.75 -6.14
C TRP A 417 -7.20 -0.78 -7.37
N SER A 418 -6.79 -1.99 -7.76
CA SER A 418 -5.89 -2.14 -8.89
C SER A 418 -6.56 -2.00 -10.26
N MET A 419 -7.77 -2.54 -10.43
CA MET A 419 -8.46 -2.44 -11.72
C MET A 419 -8.95 -1.02 -12.02
N GLN A 420 -9.11 -0.21 -10.97
CA GLN A 420 -9.54 1.18 -11.11
C GLN A 420 -8.46 1.96 -11.86
N ARG A 421 -7.21 1.56 -11.69
CA ARG A 421 -6.08 2.20 -12.36
C ARG A 421 -6.06 1.78 -13.84
N VAL A 422 -6.44 0.53 -14.11
CA VAL A 422 -6.51 0.05 -15.49
C VAL A 422 -7.65 0.83 -16.18
N ALA A 423 -8.75 1.03 -15.47
CA ALA A 423 -9.88 1.77 -16.03
C ALA A 423 -9.48 3.22 -16.36
N GLU A 424 -8.70 3.85 -15.49
CA GLU A 424 -8.27 5.20 -15.80
C GLU A 424 -7.39 5.22 -17.05
N LEU A 425 -6.52 4.23 -17.17
CA LEU A 425 -5.63 4.13 -18.33
C LEU A 425 -6.45 3.91 -19.61
N TYR A 426 -7.46 3.04 -19.52
CA TYR A 426 -8.32 2.75 -20.65
C TYR A 426 -9.10 4.00 -21.08
N TYR A 427 -9.58 4.75 -20.09
CA TYR A 427 -10.35 5.96 -20.36
C TYR A 427 -9.52 6.99 -21.11
N LYS A 428 -8.28 7.19 -20.66
CA LYS A 428 -7.37 8.16 -21.28
C LYS A 428 -6.76 7.78 -22.62
N THR A 429 -6.44 6.50 -22.79
CA THR A 429 -5.77 6.09 -24.02
C THR A 429 -6.52 5.13 -24.92
N GLY A 430 -7.58 4.52 -24.40
CA GLY A 430 -8.31 3.56 -25.20
C GLY A 430 -7.44 2.35 -25.48
N ASP A 431 -6.34 2.20 -24.74
CA ASP A 431 -5.43 1.08 -24.91
C ASP A 431 -6.15 -0.28 -25.00
N ALA A 432 -5.84 -1.03 -26.05
CA ALA A 432 -6.44 -2.34 -26.32
C ALA A 432 -6.20 -3.40 -25.25
N ARG A 433 -5.02 -3.40 -24.64
CA ARG A 433 -4.70 -4.38 -23.60
C ARG A 433 -5.61 -4.16 -22.39
N ALA A 434 -5.78 -2.90 -22.00
CA ALA A 434 -6.62 -2.54 -20.87
C ALA A 434 -8.08 -2.94 -21.13
N LYS A 435 -8.54 -2.69 -22.35
CA LYS A 435 -9.93 -3.02 -22.71
C LYS A 435 -10.17 -4.52 -22.56
N LYS A 436 -9.32 -5.32 -23.17
CA LYS A 436 -9.48 -6.77 -23.09
C LYS A 436 -9.60 -7.22 -21.64
N LEU A 437 -8.82 -6.60 -20.74
CA LEU A 437 -8.86 -6.93 -19.33
C LEU A 437 -10.14 -6.51 -18.63
N LEU A 438 -10.59 -5.28 -18.88
CA LEU A 438 -11.79 -4.75 -18.25
C LEU A 438 -13.08 -5.39 -18.74
N ASP A 439 -13.17 -5.70 -20.03
CA ASP A 439 -14.39 -6.32 -20.55
C ASP A 439 -14.71 -7.58 -19.78
N LYS A 440 -13.71 -8.44 -19.60
CA LYS A 440 -13.90 -9.69 -18.89
C LYS A 440 -14.11 -9.49 -17.38
N TRP A 441 -13.26 -8.69 -16.74
CA TRP A 441 -13.36 -8.43 -15.30
C TRP A 441 -14.70 -7.77 -14.94
N ALA A 442 -15.07 -6.74 -15.68
CA ALA A 442 -16.31 -6.02 -15.42
C ALA A 442 -17.54 -6.92 -15.59
N LYS A 443 -17.48 -7.89 -16.49
CA LYS A 443 -18.63 -8.76 -16.68
C LYS A 443 -18.71 -9.70 -15.48
N TRP A 444 -17.56 -10.07 -14.92
CA TRP A 444 -17.55 -10.95 -13.76
C TRP A 444 -18.17 -10.26 -12.53
N ILE A 445 -17.59 -9.12 -12.16
CA ILE A 445 -18.07 -8.37 -10.99
C ILE A 445 -19.50 -7.84 -11.11
N ASN A 446 -19.95 -7.53 -12.32
CA ASN A 446 -21.32 -7.05 -12.50
C ASN A 446 -22.33 -8.14 -12.17
N GLY A 447 -21.87 -9.39 -12.19
CA GLY A 447 -22.75 -10.49 -11.87
C GLY A 447 -22.67 -10.87 -10.40
N GLU A 448 -21.85 -10.17 -9.64
CA GLU A 448 -21.69 -10.45 -8.21
C GLU A 448 -22.20 -9.33 -7.30
N ILE A 449 -22.80 -8.30 -7.88
CA ILE A 449 -23.33 -7.20 -7.09
C ILE A 449 -24.78 -7.48 -6.77
N LYS A 450 -25.13 -7.54 -5.49
CA LYS A 450 -26.50 -7.84 -5.10
C LYS A 450 -27.20 -6.68 -4.42
N PHE A 451 -28.31 -6.23 -5.00
CA PHE A 451 -29.10 -5.14 -4.43
C PHE A 451 -30.35 -5.71 -3.77
N ASN A 452 -30.61 -5.30 -2.53
CA ASN A 452 -31.78 -5.78 -1.81
C ASN A 452 -32.93 -4.79 -1.94
N ALA A 453 -34.15 -5.24 -1.64
CA ALA A 453 -35.33 -4.40 -1.75
C ALA A 453 -35.38 -3.24 -0.75
N ASP A 454 -34.80 -3.43 0.42
CA ASP A 454 -34.80 -2.37 1.43
C ASP A 454 -33.71 -1.33 1.20
N GLY A 455 -33.11 -1.37 0.01
CA GLY A 455 -32.08 -0.39 -0.32
C GLY A 455 -30.63 -0.78 -0.08
N THR A 456 -30.38 -1.77 0.77
CA THR A 456 -29.02 -2.19 1.05
C THR A 456 -28.46 -3.05 -0.09
N PHE A 457 -27.19 -3.42 0.02
CA PHE A 457 -26.56 -4.22 -1.02
C PHE A 457 -25.36 -5.01 -0.50
N GLN A 458 -24.86 -5.90 -1.33
CA GLN A 458 -23.70 -6.71 -0.98
C GLN A 458 -22.83 -6.97 -2.19
N ILE A 459 -21.53 -7.06 -1.94
CA ILE A 459 -20.56 -7.33 -2.99
C ILE A 459 -19.57 -8.35 -2.41
N PRO A 460 -18.76 -8.99 -3.27
CA PRO A 460 -17.81 -9.97 -2.74
C PRO A 460 -16.94 -9.35 -1.66
N SER A 461 -16.67 -10.09 -0.60
CA SER A 461 -15.85 -9.60 0.50
C SER A 461 -14.57 -10.41 0.63
N THR A 462 -14.74 -11.72 0.76
CA THR A 462 -13.61 -12.64 0.89
C THR A 462 -13.67 -13.60 -0.30
N ILE A 463 -12.54 -13.81 -0.95
CA ILE A 463 -12.50 -14.72 -2.09
C ILE A 463 -11.43 -15.81 -1.90
N ASP A 464 -11.52 -16.85 -2.71
CA ASP A 464 -10.59 -17.97 -2.63
C ASP A 464 -10.18 -18.37 -4.04
N TRP A 465 -9.13 -19.18 -4.16
CA TRP A 465 -8.65 -19.57 -5.48
C TRP A 465 -8.35 -21.06 -5.65
N GLU A 466 -8.37 -21.49 -6.90
CA GLU A 466 -8.08 -22.86 -7.27
C GLU A 466 -7.27 -22.87 -8.55
N GLY A 467 -6.24 -23.71 -8.57
CA GLY A 467 -5.41 -23.82 -9.76
C GLY A 467 -4.36 -22.74 -9.89
N GLN A 468 -3.87 -22.55 -11.11
CA GLN A 468 -2.86 -21.55 -11.41
C GLN A 468 -2.96 -21.20 -12.88
N PRO A 469 -2.38 -20.04 -13.27
CA PRO A 469 -2.42 -19.62 -14.67
C PRO A 469 -1.46 -20.47 -15.51
N ASP A 470 -1.60 -20.42 -16.83
CA ASP A 470 -0.70 -21.16 -17.70
C ASP A 470 0.57 -20.31 -17.81
N THR A 471 1.72 -20.96 -17.95
CA THR A 471 2.98 -20.23 -18.05
C THR A 471 2.88 -19.17 -19.12
N TRP A 472 3.30 -17.96 -18.79
CA TRP A 472 3.23 -16.85 -19.71
C TRP A 472 4.21 -16.94 -20.87
N ASN A 473 3.66 -16.80 -22.07
CA ASN A 473 4.46 -16.81 -23.30
C ASN A 473 4.11 -15.48 -23.97
N PRO A 474 4.99 -14.47 -23.83
CA PRO A 474 4.76 -13.16 -24.41
C PRO A 474 4.22 -13.18 -25.83
N THR A 475 4.80 -14.02 -26.67
CA THR A 475 4.38 -14.08 -28.06
C THR A 475 3.09 -14.88 -28.27
N GLN A 476 2.63 -15.57 -27.23
CA GLN A 476 1.40 -16.36 -27.30
C GLN A 476 0.24 -15.55 -26.73
N GLY A 477 0.46 -14.90 -25.60
CA GLY A 477 -0.57 -14.11 -24.99
C GLY A 477 -1.53 -14.89 -24.12
N TYR A 478 -2.64 -14.26 -23.78
CA TYR A 478 -3.67 -14.86 -22.94
C TYR A 478 -4.22 -16.15 -23.52
N THR A 479 -4.12 -17.23 -22.75
CA THR A 479 -4.61 -18.54 -23.18
C THR A 479 -6.03 -18.76 -22.67
N GLY A 480 -6.44 -17.94 -21.71
CA GLY A 480 -7.77 -18.04 -21.14
C GLY A 480 -7.75 -18.59 -19.72
N ASN A 481 -6.63 -19.20 -19.35
CA ASN A 481 -6.44 -19.78 -18.01
C ASN A 481 -7.65 -20.58 -17.51
N ALA A 482 -8.03 -21.60 -18.27
CA ALA A 482 -9.18 -22.44 -17.93
C ALA A 482 -9.05 -23.18 -16.60
N ASN A 483 -7.84 -23.30 -16.07
CA ASN A 483 -7.64 -24.00 -14.81
C ASN A 483 -7.41 -23.08 -13.60
N LEU A 484 -7.62 -21.79 -13.80
CA LEU A 484 -7.47 -20.80 -12.71
C LEU A 484 -8.86 -20.30 -12.38
N HIS A 485 -9.30 -20.55 -11.15
CA HIS A 485 -10.65 -20.13 -10.75
C HIS A 485 -10.73 -19.33 -9.48
N VAL A 486 -11.69 -18.42 -9.43
CA VAL A 486 -11.92 -17.60 -8.25
C VAL A 486 -13.22 -18.10 -7.64
N LYS A 487 -13.33 -17.99 -6.32
CA LYS A 487 -14.54 -18.40 -5.64
C LYS A 487 -14.84 -17.34 -4.59
N VAL A 488 -16.09 -16.90 -4.53
CA VAL A 488 -16.49 -15.89 -3.55
C VAL A 488 -16.92 -16.61 -2.28
N VAL A 489 -16.09 -16.53 -1.24
CA VAL A 489 -16.39 -17.18 0.04
C VAL A 489 -17.57 -16.55 0.77
N ASN A 490 -17.56 -15.22 0.87
CA ASN A 490 -18.68 -14.52 1.50
C ASN A 490 -18.82 -13.08 0.98
N TYR A 491 -20.01 -12.52 1.14
CA TYR A 491 -20.29 -11.16 0.70
C TYR A 491 -20.43 -10.22 1.89
N GLY A 492 -20.37 -8.93 1.63
CA GLY A 492 -20.50 -7.97 2.69
C GLY A 492 -20.84 -6.61 2.14
N THR A 493 -20.76 -5.61 3.01
CA THR A 493 -21.06 -4.24 2.61
C THR A 493 -19.93 -3.30 3.01
N ASP A 494 -18.74 -3.59 2.51
CA ASP A 494 -17.57 -2.76 2.80
C ASP A 494 -17.70 -1.50 1.94
N LEU A 495 -18.04 -0.38 2.58
CA LEU A 495 -18.24 0.88 1.87
C LEU A 495 -17.01 1.42 1.12
N GLY A 496 -15.81 1.03 1.54
CA GLY A 496 -14.62 1.50 0.86
C GLY A 496 -14.46 0.76 -0.46
N CYS A 497 -14.60 -0.56 -0.40
CA CYS A 497 -14.49 -1.39 -1.58
C CYS A 497 -15.63 -1.08 -2.57
N ALA A 498 -16.83 -0.84 -2.04
CA ALA A 498 -17.98 -0.51 -2.90
C ALA A 498 -17.75 0.79 -3.66
N SER A 499 -17.14 1.76 -2.98
CA SER A 499 -16.85 3.05 -3.60
C SER A 499 -15.81 2.89 -4.70
N SER A 500 -14.76 2.14 -4.41
CA SER A 500 -13.70 1.89 -5.38
C SER A 500 -14.30 1.15 -6.59
N LEU A 501 -15.22 0.22 -6.33
CA LEU A 501 -15.88 -0.53 -7.38
C LEU A 501 -16.69 0.43 -8.27
N ALA A 502 -17.38 1.38 -7.66
CA ALA A 502 -18.15 2.35 -8.42
C ALA A 502 -17.22 3.14 -9.31
N ASN A 503 -16.13 3.62 -8.72
CA ASN A 503 -15.13 4.40 -9.45
C ASN A 503 -14.66 3.65 -10.70
N THR A 504 -14.26 2.40 -10.51
CA THR A 504 -13.79 1.55 -11.61
C THR A 504 -14.84 1.42 -12.71
N LEU A 505 -16.07 1.08 -12.33
CA LEU A 505 -17.15 0.90 -13.29
C LEU A 505 -17.48 2.19 -14.04
N THR A 506 -17.42 3.32 -13.35
CA THR A 506 -17.73 4.60 -13.99
C THR A 506 -16.74 4.94 -15.09
N TYR A 507 -15.45 4.78 -14.82
CA TYR A 507 -14.43 5.08 -15.83
C TYR A 507 -14.59 4.13 -17.00
N TYR A 508 -14.80 2.85 -16.70
CA TYR A 508 -14.96 1.85 -17.75
C TYR A 508 -16.18 2.17 -18.59
N ALA A 509 -17.31 2.43 -17.93
CA ALA A 509 -18.55 2.74 -18.64
C ALA A 509 -18.41 3.97 -19.52
N ALA A 510 -17.84 5.04 -18.98
CA ALA A 510 -17.66 6.27 -19.74
C ALA A 510 -16.93 6.07 -21.05
N LYS A 511 -16.01 5.11 -21.08
CA LYS A 511 -15.21 4.84 -22.28
C LYS A 511 -15.81 3.78 -23.19
N SER A 512 -16.42 2.75 -22.61
CA SER A 512 -16.98 1.65 -23.39
C SER A 512 -18.45 1.82 -23.78
N GLY A 513 -19.20 2.56 -22.97
CA GLY A 513 -20.61 2.74 -23.25
C GLY A 513 -21.47 1.65 -22.62
N ASP A 514 -20.83 0.73 -21.90
CA ASP A 514 -21.55 -0.36 -21.24
C ASP A 514 -22.52 0.17 -20.19
N GLU A 515 -23.81 0.14 -20.51
CA GLU A 515 -24.84 0.63 -19.61
C GLU A 515 -24.91 -0.10 -18.27
N THR A 516 -24.73 -1.41 -18.30
CA THR A 516 -24.78 -2.21 -17.08
C THR A 516 -23.78 -1.70 -16.05
N SER A 517 -22.58 -1.34 -16.51
CA SER A 517 -21.56 -0.84 -15.60
C SER A 517 -21.94 0.52 -15.03
N ARG A 518 -22.48 1.39 -15.88
CA ARG A 518 -22.87 2.73 -15.43
C ARG A 518 -24.00 2.69 -14.43
N GLN A 519 -25.06 1.94 -14.72
CA GLN A 519 -26.19 1.91 -13.81
C GLN A 519 -25.84 1.22 -12.48
N ASN A 520 -24.97 0.22 -12.52
CA ASN A 520 -24.57 -0.43 -11.29
C ASN A 520 -23.72 0.55 -10.46
N ALA A 521 -22.86 1.29 -11.14
CA ALA A 521 -22.01 2.26 -10.45
C ALA A 521 -22.88 3.32 -9.76
N GLN A 522 -23.91 3.80 -10.47
CA GLN A 522 -24.79 4.82 -9.89
C GLN A 522 -25.64 4.25 -8.75
N LYS A 523 -26.14 3.04 -8.91
CA LYS A 523 -26.95 2.43 -7.87
C LYS A 523 -26.15 2.26 -6.58
N LEU A 524 -24.87 1.95 -6.71
CA LEU A 524 -24.00 1.79 -5.54
C LEU A 524 -23.85 3.12 -4.82
N LEU A 525 -23.52 4.16 -5.57
CA LEU A 525 -23.34 5.49 -5.01
C LEU A 525 -24.63 6.00 -4.35
N ASP A 526 -25.77 5.76 -4.99
CA ASP A 526 -27.05 6.20 -4.46
C ASP A 526 -27.41 5.42 -3.20
N ALA A 527 -27.23 4.11 -3.24
CA ALA A 527 -27.52 3.25 -2.10
C ALA A 527 -26.68 3.67 -0.89
N MET A 528 -25.39 3.90 -1.10
CA MET A 528 -24.52 4.30 0.01
C MET A 528 -24.93 5.66 0.56
N TRP A 529 -25.23 6.60 -0.33
CA TRP A 529 -25.64 7.95 0.09
C TRP A 529 -26.97 7.93 0.84
N ASN A 530 -27.97 7.26 0.27
CA ASN A 530 -29.29 7.21 0.89
C ASN A 530 -29.42 6.35 2.14
N ASN A 531 -28.72 5.22 2.21
CA ASN A 531 -28.87 4.34 3.36
C ASN A 531 -27.74 4.23 4.37
N TYR A 532 -26.59 4.83 4.09
CA TYR A 532 -25.47 4.70 5.01
C TYR A 532 -24.81 5.99 5.48
N SER A 533 -25.48 7.12 5.30
CA SER A 533 -24.90 8.38 5.73
C SER A 533 -25.06 8.63 7.23
N ASP A 534 -24.13 9.38 7.78
CA ASP A 534 -24.16 9.79 9.18
C ASP A 534 -23.48 11.16 9.21
N SER A 535 -23.44 11.81 10.36
CA SER A 535 -22.84 13.14 10.44
C SER A 535 -21.34 13.20 10.21
N LYS A 536 -20.71 12.03 10.04
CA LYS A 536 -19.27 11.98 9.83
C LYS A 536 -18.88 11.43 8.47
N GLY A 537 -19.88 11.15 7.64
CA GLY A 537 -19.63 10.61 6.31
C GLY A 537 -20.54 9.42 6.08
N ILE A 538 -19.96 8.24 5.96
CA ILE A 538 -20.77 7.04 5.78
C ILE A 538 -20.20 5.91 6.63
N SER A 539 -21.06 4.99 7.05
CA SER A 539 -20.60 3.88 7.85
C SER A 539 -21.66 2.80 7.91
N THR A 540 -21.30 1.67 8.50
CA THR A 540 -22.21 0.56 8.64
C THR A 540 -21.64 -0.28 9.76
N VAL A 541 -22.45 -1.16 10.34
CA VAL A 541 -21.96 -2.02 11.40
C VAL A 541 -21.31 -3.23 10.73
N GLU A 542 -20.11 -3.58 11.16
CA GLU A 542 -19.41 -4.72 10.61
C GLU A 542 -18.84 -5.56 11.74
N GLN A 543 -18.66 -6.85 11.49
CA GLN A 543 -18.11 -7.77 12.48
C GLN A 543 -16.59 -7.81 12.43
N ARG A 544 -15.98 -7.87 13.61
CA ARG A 544 -14.51 -7.94 13.72
C ARG A 544 -14.17 -9.34 14.21
N GLY A 545 -14.20 -10.31 13.29
CA GLY A 545 -13.93 -11.70 13.62
C GLY A 545 -12.59 -12.05 14.22
N ASP A 546 -11.57 -11.25 13.95
CA ASP A 546 -10.24 -11.53 14.47
C ASP A 546 -9.93 -10.88 15.81
N TYR A 547 -10.84 -10.05 16.30
CA TYR A 547 -10.60 -9.35 17.56
C TYR A 547 -10.31 -10.22 18.77
N HIS A 548 -10.67 -11.49 18.70
CA HIS A 548 -10.39 -12.40 19.82
C HIS A 548 -8.87 -12.56 19.97
N ARG A 549 -8.13 -12.26 18.90
CA ARG A 549 -6.67 -12.36 18.93
C ARG A 549 -6.05 -11.27 19.81
N PHE A 550 -6.87 -10.28 20.16
CA PHE A 550 -6.44 -9.20 21.04
C PHE A 550 -5.97 -9.86 22.34
N LEU A 551 -6.69 -10.91 22.75
CA LEU A 551 -6.39 -11.59 24.00
C LEU A 551 -5.73 -12.96 23.92
N ASP A 552 -6.03 -13.73 22.88
CA ASP A 552 -5.45 -15.06 22.79
C ASP A 552 -4.30 -15.25 21.81
N GLN A 553 -3.86 -14.18 21.16
CA GLN A 553 -2.76 -14.29 20.21
C GLN A 553 -1.40 -14.12 20.90
N GLU A 554 -0.63 -15.19 20.93
CA GLU A 554 0.69 -15.13 21.54
C GLU A 554 1.68 -14.48 20.58
N VAL A 555 2.57 -13.66 21.12
CA VAL A 555 3.58 -12.99 20.30
C VAL A 555 4.92 -13.71 20.52
N PHE A 556 5.59 -14.10 19.44
CA PHE A 556 6.85 -14.80 19.59
C PHE A 556 8.00 -13.90 19.98
N VAL A 557 8.77 -14.35 20.96
CA VAL A 557 9.93 -13.63 21.44
C VAL A 557 11.00 -14.70 21.60
N PRO A 558 12.22 -14.46 21.08
CA PRO A 558 13.34 -15.40 21.17
C PRO A 558 13.74 -15.75 22.59
N ALA A 559 14.08 -17.02 22.81
CA ALA A 559 14.49 -17.50 24.13
C ALA A 559 15.59 -16.63 24.71
N GLY A 560 15.40 -16.18 25.96
CA GLY A 560 16.41 -15.38 26.62
C GLY A 560 16.33 -13.88 26.38
N TRP A 561 15.47 -13.47 25.45
CA TRP A 561 15.34 -12.06 25.11
C TRP A 561 14.29 -11.35 25.99
N THR A 562 14.67 -10.24 26.60
CA THR A 562 13.72 -9.47 27.40
C THR A 562 13.94 -7.99 27.14
N GLY A 563 12.86 -7.23 27.11
CA GLY A 563 12.96 -5.81 26.86
C GLY A 563 11.71 -5.11 27.34
N LYS A 564 11.65 -3.80 27.18
CA LYS A 564 10.49 -3.04 27.61
C LYS A 564 10.04 -2.06 26.53
N MET A 565 8.73 -1.89 26.42
CA MET A 565 8.19 -0.93 25.47
C MET A 565 8.32 0.38 26.24
N PRO A 566 8.31 1.52 25.54
CA PRO A 566 8.44 2.81 26.22
C PRO A 566 7.60 2.99 27.49
N ASN A 567 6.37 2.47 27.49
CA ASN A 567 5.47 2.62 28.63
C ASN A 567 5.74 1.66 29.78
N GLY A 568 6.71 0.77 29.62
CA GLY A 568 7.03 -0.18 30.68
C GLY A 568 6.65 -1.64 30.43
N ASP A 569 5.71 -1.89 29.53
CA ASP A 569 5.30 -3.27 29.25
C ASP A 569 6.52 -4.14 29.01
N VAL A 570 6.59 -5.27 29.69
CA VAL A 570 7.70 -6.18 29.54
C VAL A 570 7.53 -7.05 28.31
N ILE A 571 8.60 -7.16 27.51
CA ILE A 571 8.57 -7.98 26.31
C ILE A 571 9.35 -9.25 26.66
N LYS A 572 8.66 -10.39 26.63
CA LYS A 572 9.29 -11.68 26.95
C LYS A 572 8.42 -12.81 26.42
N SER A 573 9.01 -13.98 26.30
CA SER A 573 8.28 -15.15 25.81
C SER A 573 7.00 -15.35 26.61
N GLY A 574 5.90 -15.61 25.91
CA GLY A 574 4.63 -15.83 26.57
C GLY A 574 3.64 -14.69 26.49
N VAL A 575 4.12 -13.48 26.19
CA VAL A 575 3.23 -12.32 26.08
C VAL A 575 2.22 -12.45 24.96
N LYS A 576 1.08 -11.83 25.16
CA LYS A 576 -0.01 -11.82 24.17
C LYS A 576 -0.04 -10.44 23.52
N PHE A 577 -0.84 -10.29 22.48
CA PHE A 577 -0.97 -9.02 21.76
C PHE A 577 -1.14 -7.84 22.72
N ILE A 578 -2.13 -7.94 23.59
CA ILE A 578 -2.43 -6.87 24.53
C ILE A 578 -1.33 -6.62 25.56
N ASP A 579 -0.54 -7.64 25.88
CA ASP A 579 0.51 -7.49 26.88
C ASP A 579 1.57 -6.44 26.56
N ILE A 580 1.83 -6.18 25.28
CA ILE A 580 2.81 -5.17 24.92
C ILE A 580 2.15 -3.91 24.35
N ARG A 581 0.86 -3.76 24.63
CA ARG A 581 0.07 -2.59 24.20
C ARG A 581 -0.99 -2.34 25.28
N SER A 582 -0.58 -2.40 26.55
CA SER A 582 -1.52 -2.22 27.67
C SER A 582 -2.32 -0.93 27.70
N LYS A 583 -1.89 0.10 26.97
CA LYS A 583 -2.65 1.36 26.92
C LYS A 583 -4.00 1.18 26.21
N TYR A 584 -4.13 0.11 25.43
CA TYR A 584 -5.38 -0.18 24.72
C TYR A 584 -6.51 -0.39 25.74
N LYS A 585 -6.16 -0.72 26.98
CA LYS A 585 -7.18 -0.95 28.00
C LYS A 585 -7.87 0.33 28.43
N GLN A 586 -7.31 1.47 28.04
CA GLN A 586 -7.88 2.77 28.37
C GLN A 586 -8.77 3.28 27.24
N ASP A 587 -8.81 2.56 26.13
CA ASP A 587 -9.61 2.95 24.98
C ASP A 587 -11.09 2.92 25.37
N PRO A 588 -11.86 3.95 24.94
CA PRO A 588 -13.28 4.05 25.24
C PRO A 588 -14.07 2.79 24.87
N GLU A 589 -13.64 2.11 23.81
CA GLU A 589 -14.34 0.92 23.34
C GLU A 589 -13.84 -0.41 23.93
N TRP A 590 -12.81 -0.37 24.78
CA TRP A 590 -12.25 -1.58 25.36
C TRP A 590 -13.23 -2.46 26.14
N GLN A 591 -13.96 -1.88 27.08
CA GLN A 591 -14.92 -2.65 27.88
C GLN A 591 -16.01 -3.31 27.01
N THR A 592 -16.50 -2.57 26.02
CA THR A 592 -17.53 -3.11 25.14
C THR A 592 -17.01 -4.31 24.37
N MET A 593 -15.81 -4.19 23.83
CA MET A 593 -15.19 -5.26 23.06
C MET A 593 -14.96 -6.51 23.92
N VAL A 594 -14.34 -6.32 25.09
CA VAL A 594 -14.07 -7.44 26.00
C VAL A 594 -15.37 -8.08 26.49
N ALA A 595 -16.38 -7.27 26.75
CA ALA A 595 -17.66 -7.78 27.21
C ALA A 595 -18.24 -8.76 26.19
N ALA A 596 -18.15 -8.40 24.92
CA ALA A 596 -18.67 -9.25 23.85
C ALA A 596 -17.90 -10.57 23.73
N LEU A 597 -16.58 -10.51 23.88
CA LEU A 597 -15.78 -11.73 23.77
C LEU A 597 -16.09 -12.68 24.92
N GLN A 598 -16.38 -12.13 26.08
CA GLN A 598 -16.70 -12.93 27.27
C GLN A 598 -18.05 -13.59 27.08
N ALA A 599 -19.00 -12.87 26.47
CA ALA A 599 -20.33 -13.41 26.24
C ALA A 599 -20.29 -14.40 25.08
N GLY A 600 -19.09 -14.65 24.57
CA GLY A 600 -18.92 -15.58 23.46
C GLY A 600 -19.44 -15.07 22.13
N GLN A 601 -19.54 -13.75 21.99
CA GLN A 601 -20.03 -13.16 20.75
C GLN A 601 -18.90 -12.53 19.95
N VAL A 602 -19.20 -12.15 18.71
CA VAL A 602 -18.21 -11.51 17.85
C VAL A 602 -18.39 -10.01 17.98
N PRO A 603 -17.30 -9.29 18.30
CA PRO A 603 -17.40 -7.84 18.45
C PRO A 603 -17.81 -7.19 17.12
N THR A 604 -18.51 -6.07 17.22
CA THR A 604 -18.94 -5.33 16.05
C THR A 604 -18.50 -3.89 16.19
N GLN A 605 -18.27 -3.23 15.06
CA GLN A 605 -17.86 -1.84 15.08
C GLN A 605 -18.48 -1.06 13.94
N ARG A 606 -18.56 0.26 14.13
CA ARG A 606 -19.09 1.16 13.12
C ARG A 606 -17.89 2.07 12.90
N LEU A 607 -17.09 1.73 11.90
CA LEU A 607 -15.86 2.45 11.61
C LEU A 607 -15.87 3.51 10.50
N HIS A 608 -15.03 4.53 10.70
CA HIS A 608 -14.88 5.60 9.73
C HIS A 608 -13.42 5.63 9.26
N ARG A 609 -13.07 4.73 8.33
CA ARG A 609 -11.71 4.67 7.79
C ARG A 609 -11.50 5.82 6.82
N PHE A 610 -10.45 6.62 7.06
CA PHE A 610 -10.15 7.76 6.20
C PHE A 610 -10.14 7.45 4.70
N TRP A 611 -9.43 6.39 4.30
CA TRP A 611 -9.38 6.06 2.88
C TRP A 611 -10.75 5.70 2.32
N ALA A 612 -11.57 5.04 3.14
CA ALA A 612 -12.91 4.65 2.70
C ALA A 612 -13.77 5.89 2.45
N GLN A 613 -13.76 6.83 3.39
CA GLN A 613 -14.53 8.06 3.26
C GLN A 613 -14.09 8.82 2.01
N SER A 614 -12.78 8.96 1.82
CA SER A 614 -12.24 9.66 0.65
C SER A 614 -12.60 8.93 -0.64
N GLU A 615 -12.55 7.59 -0.58
CA GLU A 615 -12.90 6.77 -1.73
C GLU A 615 -14.33 7.09 -2.16
N PHE A 616 -15.24 7.20 -1.19
CA PHE A 616 -16.63 7.48 -1.50
C PHE A 616 -16.76 8.88 -2.08
N ALA A 617 -16.06 9.84 -1.50
CA ALA A 617 -16.09 11.20 -1.99
C ALA A 617 -15.62 11.25 -3.45
N VAL A 618 -14.41 10.76 -3.69
CA VAL A 618 -13.83 10.76 -5.02
C VAL A 618 -14.73 10.06 -6.03
N ALA A 619 -15.32 8.94 -5.63
CA ALA A 619 -16.21 8.18 -6.51
C ALA A 619 -17.37 9.08 -6.97
N ASN A 620 -17.90 9.89 -6.06
CA ASN A 620 -18.99 10.81 -6.41
C ASN A 620 -18.47 11.86 -7.39
N GLY A 621 -17.25 12.35 -7.16
CA GLY A 621 -16.67 13.36 -8.04
C GLY A 621 -16.46 12.85 -9.45
N VAL A 622 -15.85 11.67 -9.55
CA VAL A 622 -15.59 11.05 -10.83
C VAL A 622 -16.87 10.89 -11.62
N TYR A 623 -17.93 10.42 -10.97
CA TYR A 623 -19.20 10.21 -11.65
C TYR A 623 -19.78 11.54 -12.14
N ALA A 624 -19.69 12.57 -11.32
CA ALA A 624 -20.20 13.88 -11.68
C ALA A 624 -19.49 14.47 -12.89
N ILE A 625 -18.23 14.08 -13.10
CA ILE A 625 -17.46 14.59 -14.22
C ILE A 625 -17.66 13.81 -15.52
N LEU A 626 -17.76 12.49 -15.41
CA LEU A 626 -17.92 11.64 -16.58
C LEU A 626 -19.35 11.51 -17.09
N PHE A 627 -20.32 11.77 -16.22
CA PHE A 627 -21.73 11.68 -16.60
C PHE A 627 -22.47 12.94 -16.14
N PRO A 628 -22.15 14.08 -16.75
CA PRO A 628 -22.72 15.39 -16.45
C PRO A 628 -24.22 15.54 -16.68
N ASP A 629 -24.85 14.52 -17.26
CA ASP A 629 -26.28 14.58 -17.51
C ASP A 629 -27.06 13.53 -16.70
C1 GLO B . -8.23 -8.14 4.95
C2 GLO B . -8.14 -6.62 4.98
C3 GLO B . -9.30 -6.00 5.76
C4 GLO B . -9.64 -4.59 5.29
C5 GLO B . -10.97 -4.18 5.93
C6 GLO B . -11.46 -2.83 5.46
O1 GLO B . -7.15 -8.71 4.24
O2 GLO B . -6.90 -6.25 5.56
O3 GLO B . -8.95 -5.97 7.14
O4 GLO B . -8.63 -3.66 5.70
O5 GLO B . -11.96 -5.17 5.67
O6 GLO B . -11.52 -2.77 4.05
C1 GLC B . -7.92 -2.98 4.72
C2 GLC B . -7.27 -1.73 5.34
C3 GLC B . -6.28 -1.06 4.38
C4 GLC B . -5.29 -2.11 3.85
C5 GLC B . -6.07 -3.25 3.21
C6 GLC B . -5.17 -4.33 2.65
O2 GLC B . -8.28 -0.80 5.70
O3 GLC B . -5.58 -0.02 5.05
O4 GLC B . -4.43 -1.51 2.89
O5 GLC B . -6.92 -3.87 4.20
O6 GLC B . -4.26 -4.81 3.63
CA CA C . 0.51 -16.42 12.06
#